data_3VUO
#
_entry.id   3VUO
#
_cell.length_a   147.851
_cell.length_b   147.851
_cell.length_c   229.741
_cell.angle_alpha   90.00
_cell.angle_beta   90.00
_cell.angle_gamma   120.00
#
_symmetry.space_group_name_H-M   'P 32 2 1'
#
_entity_poly.entity_id   1
_entity_poly.type   'polypeptide(L)'
_entity_poly.pdbx_seq_one_letter_code
;MDINDDLNINSPVDNKNVVIVRARKTNTFFKAFKVAPNIWVAPERYYGEPLDIAEEYKLDGGIYDSNFLSQDSERENFLQ
AIITLLKRINNTISGKQLLSLISTAIPFPYGYVGGGYSSPNIFTFGKTPKSNKKLNSLVTSTIPFPFGGYRETNYIESQN
NKNFYASNIVIFGPGSNIVENNVICYKKNDAENGMGTMAEILFQPLLTYKYNKFYIDPAMELTKCLIKSLYFLYGIKPSD
DLVVPYRLRTELDNKQFSQLNIIDLLISGGVDLEFINTNPYWFTNSYFSNSIKMFEKYKNIYETEIEGNNAIGNDIKLRL
KQKFQNSVQDIWNLNLNYFSKEFNSIIPDRFSNALKHFYRKQYYTMDYGDNYNINGFVNGQINTKLPLSDKNTNIISKPE
KVVNLVNANNISLMKSNIYGDGLKGTTEDFYSTYKIPYNEEYEYRFNDSDNFPLNNISIEEVDSIPEIIDINPYKDNSDD
LLFTQITSTTEEVITHTALPVNYLQAQIITNENFTLSSDFSKVVSSKDKSLVYSFLDNLMSYLETIKNDGPIDTDKKYYL
WLKEVFKNYSFDINLTQEIDSSCGINEVVIWFGKALNILNTSNSFVEEYQNSGPISLISKKDNLSEPNIEIDDIPDSLLG
LSFKDLNNKLYEIYSKNRVYFRKIYFNFLDQWWTEYYSQYFELICMAKQSILAQESVVKQIIQNKFTDLSKASIPPDTLK
LIKETTEKTFIDLSNESQISMNRVDNFLNKASICVFVEDIYPKFISYMEKYINNINIKTREFIQRCTNINDNEKSILINS
YTFKTIDFKFLNIQAIKNFFNSQVEQVMKEMLSPYQLLLFATRGPNSNIIEDISGKNTLIQYTESVELVYGVNGESLYLK
SPNETVEFSNNFFTNGLTNNFTICFWLRFTGKDDDKTRLIGNKVNNCGWEIYFEDNGLVFEIIDSNGNQESVYLSNVINN
NWYYISISVDRLKDQLLIFINDKNVANVSIEQILNIYSTNVISLVNKNNSIYVEELSVLDKPVASEEVIRNYFSYLDNSY
IRDSSKSLLEYNKNYQLYNYVFPETSLYEVNDNNKSYLSLKNTDGINIPSVKFKLINIDESKGYVQKWDECIICVSDGTE
KYLDISPENNRIQLVSSKDNAKKITVNTDLFRPDCITFSYNDKYFSLSLRDGDYNWMICNDNNKVPKGAHLWILKS
;
_entity_poly.pdbx_strand_id   A
#
# COMPACT_ATOMS: atom_id res chain seq x y z
N MET A 1 -0.33 26.51 3.03
CA MET A 1 -0.55 27.77 2.25
C MET A 1 -1.36 28.81 3.06
N ASP A 2 -2.66 28.92 2.73
CA ASP A 2 -3.54 29.94 3.30
C ASP A 2 -3.86 29.72 4.78
N ILE A 3 -2.91 29.11 5.51
CA ILE A 3 -3.00 28.85 6.95
C ILE A 3 -2.15 29.87 7.68
N ASN A 4 -2.75 30.57 8.65
CA ASN A 4 -2.05 31.58 9.48
C ASN A 4 -1.03 30.92 10.45
N ASP A 5 0.27 31.05 10.13
CA ASP A 5 1.32 30.32 10.84
C ASP A 5 1.66 31.06 12.14
N ASP A 6 1.01 32.21 12.31
CA ASP A 6 1.57 33.37 12.97
C ASP A 6 1.45 33.45 14.50
N LEU A 7 0.38 32.88 15.03
CA LEU A 7 -0.04 33.14 16.40
C LEU A 7 0.68 32.24 17.37
N ASN A 8 1.30 32.80 18.41
CA ASN A 8 1.76 31.99 19.56
C ASN A 8 0.56 31.81 20.49
N ILE A 9 0.60 30.84 21.41
CA ILE A 9 -0.55 30.65 22.32
C ILE A 9 -0.84 31.96 23.08
N ASN A 10 0.21 32.79 23.15
CA ASN A 10 0.25 34.02 23.93
C ASN A 10 -0.10 35.31 23.18
N SER A 11 -0.67 35.17 21.97
CA SER A 11 -1.16 36.31 21.20
C SER A 11 -2.39 36.91 21.85
N PRO A 12 -2.43 38.24 22.02
CA PRO A 12 -3.48 38.85 22.81
C PRO A 12 -4.77 39.01 22.00
N VAL A 13 -5.84 39.40 22.67
CA VAL A 13 -7.10 39.55 21.98
C VAL A 13 -7.12 40.86 21.21
N ASP A 14 -7.44 40.72 19.93
CA ASP A 14 -7.31 41.78 18.96
C ASP A 14 -8.59 41.99 18.16
N ASN A 15 -9.60 41.15 18.41
CA ASN A 15 -10.83 41.20 17.66
C ASN A 15 -10.66 41.01 16.14
N LYS A 16 -9.69 40.21 15.71
CA LYS A 16 -9.56 39.84 14.28
C LYS A 16 -9.15 38.39 14.01
N ASN A 17 -7.99 37.99 14.49
CA ASN A 17 -7.55 36.59 14.35
C ASN A 17 -7.47 35.88 15.70
N VAL A 18 -7.78 36.63 16.74
CA VAL A 18 -7.69 36.14 18.10
C VAL A 18 -8.81 36.81 18.90
N VAL A 19 -9.79 36.00 19.28
CA VAL A 19 -11.03 36.42 19.92
C VAL A 19 -11.26 35.60 21.20
N ILE A 20 -12.05 36.12 22.16
CA ILE A 20 -12.66 35.27 23.21
C ILE A 20 -14.18 35.33 23.02
N VAL A 21 -14.75 34.15 22.78
CA VAL A 21 -16.13 34.02 22.30
C VAL A 21 -16.95 33.10 23.20
N ARG A 22 -18.27 33.24 23.09
CA ARG A 22 -19.22 32.51 23.91
C ARG A 22 -19.50 31.09 23.36
N ALA A 23 -19.31 30.09 24.24
CA ALA A 23 -19.66 28.70 23.98
C ALA A 23 -21.18 28.47 24.04
N ARG A 24 -21.75 28.26 22.85
CA ARG A 24 -23.19 28.16 22.64
C ARG A 24 -23.91 29.40 23.13
N LYS A 25 -24.76 29.22 24.14
CA LYS A 25 -25.48 30.31 24.74
C LYS A 25 -25.19 30.40 26.23
N THR A 26 -24.14 29.70 26.68
CA THR A 26 -23.82 29.56 28.12
C THR A 26 -23.26 30.82 28.71
N ASN A 27 -23.12 30.86 30.03
CA ASN A 27 -22.34 31.93 30.61
C ASN A 27 -20.89 31.51 30.76
N THR A 28 -20.50 30.72 29.77
CA THR A 28 -19.11 30.35 29.49
C THR A 28 -18.59 30.98 28.17
N PHE A 29 -17.29 31.25 28.12
CA PHE A 29 -16.67 31.77 26.90
C PHE A 29 -15.20 31.31 26.82
N PHE A 30 -14.70 31.01 25.61
CA PHE A 30 -13.34 30.47 25.37
C PHE A 30 -12.54 31.22 24.29
N LYS A 31 -11.21 31.02 24.29
CA LYS A 31 -10.27 31.70 23.37
C LYS A 31 -10.02 30.95 22.06
N ALA A 32 -9.82 31.71 21.00
CA ALA A 32 -9.93 31.17 19.66
C ALA A 32 -8.99 31.91 18.72
N PHE A 33 -8.45 31.15 17.76
CA PHE A 33 -7.45 31.62 16.78
C PHE A 33 -7.85 31.23 15.35
N LYS A 34 -7.99 32.26 14.51
CA LYS A 34 -8.30 32.04 13.10
C LYS A 34 -7.05 31.55 12.34
N VAL A 35 -7.12 30.30 11.94
CA VAL A 35 -6.10 29.74 11.10
C VAL A 35 -6.42 29.90 9.61
N ALA A 36 -7.65 30.27 9.28
CA ALA A 36 -8.11 30.33 7.89
C ALA A 36 -9.56 30.77 7.87
N PRO A 37 -10.05 31.26 6.72
CA PRO A 37 -11.46 31.58 6.41
C PRO A 37 -12.51 30.62 6.97
N ASN A 38 -13.23 31.11 7.98
CA ASN A 38 -14.28 30.37 8.68
C ASN A 38 -13.79 29.17 9.50
N ILE A 39 -12.46 29.05 9.60
CA ILE A 39 -11.76 27.97 10.33
C ILE A 39 -10.99 28.50 11.53
N TRP A 40 -11.38 28.06 12.72
CA TRP A 40 -10.80 28.53 13.98
C TRP A 40 -10.22 27.42 14.80
N VAL A 41 -9.34 27.78 15.74
CA VAL A 41 -8.80 26.79 16.66
C VAL A 41 -9.06 27.18 18.10
N ALA A 42 -9.63 26.27 18.89
CA ALA A 42 -9.77 26.52 20.33
C ALA A 42 -8.86 25.62 21.20
N PRO A 43 -7.59 26.05 21.39
CA PRO A 43 -6.48 25.33 22.01
C PRO A 43 -6.61 25.20 23.50
N GLU A 44 -7.71 24.55 23.90
CA GLU A 44 -8.03 24.26 25.29
C GLU A 44 -9.05 23.12 25.19
N ARG A 45 -9.29 22.44 26.32
CA ARG A 45 -10.34 21.42 26.45
C ARG A 45 -11.70 21.80 25.86
N TYR A 46 -12.42 20.81 25.31
CA TYR A 46 -13.80 21.06 24.89
C TYR A 46 -14.58 21.41 26.14
N TYR A 47 -15.50 22.37 25.98
CA TYR A 47 -16.11 23.01 27.13
C TYR A 47 -17.29 22.22 27.64
N GLY A 48 -17.99 21.53 26.74
CA GLY A 48 -19.24 20.85 27.12
C GLY A 48 -19.08 19.39 27.50
N GLU A 49 -17.90 19.07 27.96
CA GLU A 49 -17.64 17.74 28.41
C GLU A 49 -16.80 17.81 29.65
N PRO A 50 -17.42 17.47 30.79
CA PRO A 50 -16.82 17.53 32.10
C PRO A 50 -15.43 16.88 32.07
N LEU A 51 -14.55 17.34 32.96
CA LEU A 51 -13.11 16.99 32.88
C LEU A 51 -12.62 15.83 33.75
N ASP A 52 -12.88 15.90 35.06
CA ASP A 52 -12.76 14.74 35.96
C ASP A 52 -14.16 14.12 35.94
N ILE A 53 -14.36 12.99 35.26
CA ILE A 53 -15.68 12.35 35.31
C ILE A 53 -15.69 11.17 36.28
N ALA A 54 -16.87 10.71 36.65
CA ALA A 54 -17.02 9.72 37.70
C ALA A 54 -16.49 8.37 37.27
N GLU A 55 -15.81 7.69 38.20
CA GLU A 55 -15.13 6.44 37.89
C GLU A 55 -16.07 5.32 37.43
N GLU A 56 -17.20 5.21 38.13
CA GLU A 56 -18.30 4.36 37.72
C GLU A 56 -18.58 4.53 36.23
N TYR A 57 -18.12 5.64 35.65
CA TYR A 57 -18.48 6.04 34.31
C TYR A 57 -17.35 6.09 33.30
N LYS A 58 -16.10 5.93 33.73
CA LYS A 58 -14.99 6.00 32.76
C LYS A 58 -15.03 4.80 31.86
N LEU A 59 -14.93 5.02 30.55
CA LEU A 59 -15.06 3.94 29.60
C LEU A 59 -13.70 3.27 29.41
N ASP A 60 -13.72 2.02 28.90
CA ASP A 60 -12.51 1.25 28.59
C ASP A 60 -11.64 2.00 27.59
N GLY A 61 -10.34 2.03 27.85
CA GLY A 61 -9.42 2.56 26.86
C GLY A 61 -9.32 4.08 26.76
N GLY A 62 -10.10 4.77 27.58
CA GLY A 62 -9.90 6.20 27.75
C GLY A 62 -8.65 6.48 28.57
N ILE A 63 -8.16 7.71 28.49
CA ILE A 63 -7.28 8.26 29.51
C ILE A 63 -8.02 9.51 29.92
N TYR A 64 -8.40 9.55 31.20
CA TYR A 64 -9.03 10.74 31.75
C TYR A 64 -8.00 11.42 32.61
N ASP A 65 -7.96 12.76 32.53
CA ASP A 65 -6.88 13.59 33.06
C ASP A 65 -7.37 15.01 33.04
N SER A 66 -7.73 15.54 34.20
CA SER A 66 -8.20 16.91 34.30
C SER A 66 -7.08 17.94 34.07
N ASN A 67 -5.84 17.53 34.33
CA ASN A 67 -4.67 18.37 34.12
C ASN A 67 -4.11 18.39 32.70
N PHE A 68 -4.85 17.79 31.77
CA PHE A 68 -4.43 17.85 30.39
C PHE A 68 -4.98 19.11 29.74
N LEU A 69 -4.17 19.67 28.83
CA LEU A 69 -4.40 20.95 28.20
C LEU A 69 -4.67 22.08 29.18
N SER A 70 -4.25 21.84 30.42
CA SER A 70 -4.34 22.79 31.52
C SER A 70 -3.25 23.84 31.41
N GLN A 71 -2.07 23.39 30.97
CA GLN A 71 -0.91 24.25 30.92
C GLN A 71 -0.79 25.06 29.64
N ASP A 72 0.00 26.12 29.73
CA ASP A 72 0.18 26.97 28.57
C ASP A 72 1.10 26.29 27.57
N SER A 73 2.19 25.73 28.08
CA SER A 73 3.15 25.05 27.23
C SER A 73 2.48 24.03 26.30
N GLU A 74 1.58 23.22 26.89
CA GLU A 74 0.72 22.29 26.18
C GLU A 74 -0.24 23.05 25.26
N ARG A 75 -0.99 24.00 25.84
CA ARG A 75 -1.92 24.79 25.04
C ARG A 75 -1.14 25.23 23.79
N GLU A 76 0.11 25.69 23.95
CA GLU A 76 0.94 26.09 22.78
C GLU A 76 1.26 24.91 21.90
N ASN A 77 1.97 23.94 22.48
CA ASN A 77 2.27 22.71 21.76
C ASN A 77 1.14 22.34 20.78
N PHE A 78 -0.05 22.26 21.38
CA PHE A 78 -1.29 21.90 20.74
C PHE A 78 -1.68 22.88 19.66
N LEU A 79 -1.75 24.17 19.99
CA LEU A 79 -2.05 25.19 18.99
C LEU A 79 -1.12 25.04 17.80
N GLN A 80 0.16 24.78 18.11
CA GLN A 80 1.20 24.56 17.10
C GLN A 80 1.05 23.23 16.42
N ALA A 81 0.89 22.16 17.19
CA ALA A 81 0.36 20.90 16.65
C ALA A 81 -0.78 21.00 15.59
N ILE A 82 -1.89 21.71 15.88
CA ILE A 82 -3.02 21.77 14.94
C ILE A 82 -2.63 22.49 13.68
N ILE A 83 -2.12 23.70 13.83
CA ILE A 83 -1.67 24.46 12.70
C ILE A 83 -0.83 23.55 11.79
N THR A 84 0.07 22.79 12.41
CA THR A 84 1.02 21.92 11.72
C THR A 84 0.37 20.83 10.88
N LEU A 85 -0.55 20.10 11.50
CA LEU A 85 -1.28 19.02 10.84
C LEU A 85 -2.09 19.59 9.69
N LEU A 86 -2.53 20.83 9.88
CA LEU A 86 -3.33 21.56 8.92
C LEU A 86 -2.52 21.97 7.71
N LYS A 87 -1.24 22.27 7.94
CA LYS A 87 -0.31 22.67 6.86
C LYS A 87 0.19 21.46 6.07
N ARG A 88 0.39 20.35 6.79
CA ARG A 88 0.71 19.06 6.21
C ARG A 88 -0.43 18.55 5.30
N ILE A 89 -1.67 18.81 5.69
CA ILE A 89 -2.89 18.59 4.88
C ILE A 89 -2.95 19.51 3.65
N ASN A 90 -2.15 20.57 3.67
CA ASN A 90 -2.24 21.55 2.61
C ASN A 90 -1.24 21.40 1.47
N ASN A 91 -0.12 20.74 1.74
CA ASN A 91 0.84 20.30 0.69
C ASN A 91 0.26 19.14 -0.16
N THR A 92 -1.07 19.00 -0.18
CA THR A 92 -1.79 17.87 -0.81
C THR A 92 -2.87 18.46 -1.67
N ILE A 93 -2.77 18.21 -2.98
CA ILE A 93 -3.78 18.68 -3.91
C ILE A 93 -5.20 18.43 -3.38
N SER A 94 -5.48 17.17 -3.06
CA SER A 94 -6.79 16.74 -2.60
C SER A 94 -7.22 17.36 -1.27
N GLY A 95 -6.31 17.43 -0.31
CA GLY A 95 -6.62 17.90 1.02
C GLY A 95 -6.75 19.40 1.10
N LYS A 96 -5.93 20.09 0.33
CA LYS A 96 -6.06 21.53 0.20
C LYS A 96 -7.43 21.81 -0.44
N GLN A 97 -7.81 20.97 -1.40
CA GLN A 97 -9.14 21.05 -2.04
C GLN A 97 -10.26 20.84 -1.00
N LEU A 98 -10.07 19.85 -0.13
CA LEU A 98 -11.02 19.55 0.93
C LEU A 98 -11.19 20.77 1.80
N LEU A 99 -10.07 21.26 2.34
CA LEU A 99 -10.10 22.37 3.27
C LEU A 99 -10.76 23.61 2.65
N SER A 100 -10.56 23.79 1.34
CA SER A 100 -11.20 24.89 0.61
C SER A 100 -12.71 24.75 0.49
N LEU A 101 -13.21 23.53 0.39
CA LEU A 101 -14.65 23.32 0.52
C LEU A 101 -15.14 23.62 1.95
N ILE A 102 -14.39 23.18 2.94
CA ILE A 102 -14.65 23.55 4.35
C ILE A 102 -14.69 25.07 4.55
N SER A 103 -13.71 25.78 3.99
CA SER A 103 -13.70 27.25 4.05
C SER A 103 -14.97 27.83 3.45
N THR A 104 -15.37 27.29 2.30
CA THR A 104 -16.42 27.88 1.49
C THR A 104 -17.79 27.17 1.60
N ALA A 105 -17.88 26.21 2.51
CA ALA A 105 -19.10 25.44 2.66
C ALA A 105 -20.08 26.00 3.73
N ILE A 106 -20.20 27.33 3.81
CA ILE A 106 -21.02 27.93 4.87
C ILE A 106 -22.43 27.38 4.96
N PRO A 107 -22.90 27.14 6.18
CA PRO A 107 -24.31 26.83 6.34
C PRO A 107 -25.16 27.95 5.76
N PHE A 108 -26.16 27.51 5.00
CA PHE A 108 -27.20 28.36 4.46
C PHE A 108 -27.78 29.26 5.54
N PRO A 109 -28.12 30.51 5.16
CA PRO A 109 -28.78 31.46 6.02
C PRO A 109 -30.31 31.51 5.94
N TYR A 110 -30.87 31.91 7.07
CA TYR A 110 -32.29 32.13 7.28
C TYR A 110 -32.73 33.47 6.69
N GLY A 111 -34.03 33.60 6.42
CA GLY A 111 -34.56 34.59 5.49
C GLY A 111 -35.39 35.75 6.01
N TYR A 112 -36.35 36.16 5.19
CA TYR A 112 -37.04 37.42 5.38
C TYR A 112 -38.20 37.35 6.39
N VAL A 113 -37.96 37.95 7.56
CA VAL A 113 -38.87 37.99 8.73
C VAL A 113 -39.57 36.66 9.04
N GLY A 149 -31.08 41.78 6.11
CA GLY A 149 -32.16 40.94 5.57
C GLY A 149 -31.98 39.46 5.82
N TYR A 150 -30.82 38.93 5.42
CA TYR A 150 -30.43 37.52 5.59
C TYR A 150 -29.55 37.30 6.83
N ARG A 151 -29.86 36.25 7.62
CA ARG A 151 -29.23 35.98 8.95
C ARG A 151 -28.57 34.58 9.14
N GLU A 152 -27.25 34.52 9.32
CA GLU A 152 -26.49 33.24 9.26
C GLU A 152 -26.41 32.44 10.57
N THR A 153 -26.15 31.14 10.47
CA THR A 153 -26.05 30.25 11.64
C THR A 153 -24.61 30.12 12.14
N ASN A 154 -23.67 30.37 11.24
CA ASN A 154 -22.27 30.00 11.41
C ASN A 154 -21.40 31.13 11.92
N TYR A 155 -21.35 31.31 13.23
CA TYR A 155 -20.64 32.46 13.78
C TYR A 155 -20.29 32.26 15.23
N ILE A 156 -19.58 33.24 15.78
CA ILE A 156 -19.34 33.34 17.21
C ILE A 156 -19.71 34.72 17.68
N GLU A 157 -20.26 34.81 18.90
CA GLU A 157 -20.57 36.08 19.61
C GLU A 157 -19.40 36.33 20.56
N SER A 158 -19.14 37.59 20.91
CA SER A 158 -18.10 37.93 21.88
C SER A 158 -18.71 38.19 23.26
N GLN A 159 -17.91 38.53 24.27
CA GLN A 159 -18.47 38.70 25.65
C GLN A 159 -18.79 40.13 26.05
N ASN A 160 -18.84 40.97 25.02
CA ASN A 160 -19.63 42.19 24.98
C ASN A 160 -20.83 41.86 24.11
N ASN A 161 -20.83 40.69 23.53
CA ASN A 161 -21.90 40.28 22.63
C ASN A 161 -22.26 41.23 21.45
N LYS A 162 -21.38 42.15 21.05
CA LYS A 162 -21.65 42.95 19.83
C LYS A 162 -20.71 42.76 18.62
N ASN A 163 -19.66 41.96 18.76
CA ASN A 163 -18.79 41.68 17.63
C ASN A 163 -19.08 40.23 17.17
N PHE A 164 -19.18 40.03 15.85
CA PHE A 164 -19.62 38.75 15.27
C PHE A 164 -18.70 38.16 14.21
N TYR A 165 -18.11 37.01 14.50
CA TYR A 165 -17.11 36.34 13.64
C TYR A 165 -17.59 35.06 12.95
N ALA A 166 -17.53 35.03 11.63
CA ALA A 166 -17.93 33.83 10.87
C ALA A 166 -17.03 32.62 11.20
N SER A 167 -17.65 31.45 11.36
CA SER A 167 -16.93 30.19 11.55
C SER A 167 -17.74 28.97 11.13
N ASN A 168 -17.17 28.13 10.27
CA ASN A 168 -17.75 26.83 9.95
C ASN A 168 -17.18 25.73 10.85
N ILE A 169 -15.89 25.85 11.17
CA ILE A 169 -15.13 24.85 11.94
C ILE A 169 -14.47 25.48 13.17
N VAL A 170 -14.51 24.74 14.28
CA VAL A 170 -13.66 25.03 15.44
C VAL A 170 -13.05 23.74 15.98
N ILE A 171 -11.72 23.71 16.01
CA ILE A 171 -10.92 22.57 16.45
C ILE A 171 -10.48 22.71 17.93
N PHE A 172 -11.12 21.92 18.83
CA PHE A 172 -10.82 21.97 20.29
C PHE A 172 -9.85 20.88 20.72
N GLY A 173 -9.44 20.97 21.97
CA GLY A 173 -8.77 19.85 22.60
C GLY A 173 -9.81 18.81 22.97
N PRO A 174 -9.40 17.74 23.66
CA PRO A 174 -10.35 16.71 24.00
C PRO A 174 -11.36 17.13 25.07
N GLY A 175 -12.52 16.49 25.00
CA GLY A 175 -13.54 16.61 26.02
C GLY A 175 -13.22 15.86 27.31
N SER A 176 -14.04 14.84 27.60
CA SER A 176 -13.93 14.13 28.86
C SER A 176 -12.70 13.24 28.82
N ASN A 177 -12.65 12.33 27.85
CA ASN A 177 -11.54 11.39 27.67
C ASN A 177 -10.51 11.95 26.68
N ILE A 178 -9.20 11.80 26.97
CA ILE A 178 -8.18 12.52 26.16
C ILE A 178 -7.61 11.80 24.98
N VAL A 179 -8.07 10.59 24.72
CA VAL A 179 -7.80 9.91 23.45
C VAL A 179 -9.09 9.76 22.61
N GLU A 180 -10.02 10.66 22.92
CA GLU A 180 -11.39 10.76 22.41
C GLU A 180 -11.51 11.80 21.28
N ASN A 181 -11.46 11.40 20.03
CA ASN A 181 -11.61 12.42 18.97
C ASN A 181 -13.10 12.63 18.69
N ASN A 182 -13.48 13.69 17.98
CA ASN A 182 -14.93 13.91 17.68
C ASN A 182 -15.40 15.21 16.99
N VAL A 183 -16.58 15.11 16.39
CA VAL A 183 -17.21 16.19 15.66
C VAL A 183 -18.57 16.39 16.31
N ILE A 184 -18.84 17.60 16.80
CA ILE A 184 -20.08 17.91 17.52
C ILE A 184 -20.91 18.94 16.70
N CYS A 185 -22.18 18.62 16.44
CA CYS A 185 -23.13 19.52 15.74
C CYS A 185 -23.50 20.77 16.56
N TYR A 186 -23.57 21.95 15.95
CA TYR A 186 -23.91 23.16 16.73
C TYR A 186 -25.43 23.18 16.94
N LYS A 187 -26.18 22.99 15.86
CA LYS A 187 -27.64 22.83 15.91
C LYS A 187 -28.03 21.53 15.17
N LYS A 188 -28.30 20.48 15.95
CA LYS A 188 -28.46 19.13 15.40
C LYS A 188 -29.41 19.10 14.24
N ASN A 189 -30.55 19.75 14.39
CA ASN A 189 -31.60 19.67 13.39
C ASN A 189 -31.27 20.38 12.06
N ASP A 190 -30.47 21.46 12.20
CA ASP A 190 -29.91 22.24 11.08
C ASP A 190 -28.91 21.35 10.34
N ALA A 191 -28.33 20.40 11.06
CA ALA A 191 -27.35 19.49 10.48
C ALA A 191 -28.07 18.36 9.78
N GLU A 192 -29.38 18.28 9.93
CA GLU A 192 -30.07 17.14 9.40
C GLU A 192 -30.98 17.55 8.28
N ASN A 193 -31.32 18.83 8.25
CA ASN A 193 -32.39 19.27 7.34
C ASN A 193 -32.03 19.82 5.92
N GLY A 194 -30.73 19.89 5.59
CA GLY A 194 -30.28 20.38 4.28
C GLY A 194 -29.68 21.76 4.36
N MET A 195 -29.80 22.35 5.56
CA MET A 195 -29.30 23.66 5.90
C MET A 195 -27.79 23.67 6.16
N GLY A 196 -27.38 22.96 7.21
CA GLY A 196 -26.00 23.00 7.65
C GLY A 196 -25.85 23.80 8.93
N THR A 197 -24.85 23.45 9.71
CA THR A 197 -24.52 24.16 10.96
C THR A 197 -23.04 24.08 11.30
N MET A 198 -22.57 25.10 12.00
CA MET A 198 -21.23 25.12 12.54
C MET A 198 -20.92 23.81 13.25
N ALA A 199 -19.64 23.45 13.21
CA ALA A 199 -19.17 22.17 13.68
C ALA A 199 -18.02 22.38 14.65
N GLU A 200 -18.02 21.60 15.73
CA GLU A 200 -16.91 21.61 16.65
C GLU A 200 -16.15 20.30 16.59
N ILE A 201 -14.83 20.42 16.47
CA ILE A 201 -13.96 19.25 16.48
C ILE A 201 -13.16 19.22 17.80
N LEU A 202 -13.23 18.09 18.49
CA LEU A 202 -12.32 17.81 19.57
C LEU A 202 -11.22 17.00 18.96
N PHE A 203 -10.00 17.36 19.30
CA PHE A 203 -8.90 16.67 18.75
C PHE A 203 -7.78 16.51 19.74
N GLN A 204 -7.01 15.46 19.52
CA GLN A 204 -5.83 15.14 20.30
C GLN A 204 -4.60 14.93 19.38
N PRO A 205 -3.80 15.98 19.15
CA PRO A 205 -2.65 15.94 18.24
C PRO A 205 -1.34 15.62 18.94
N LEU A 206 -1.39 15.50 20.26
CA LEU A 206 -0.18 15.32 21.03
C LEU A 206 0.13 13.85 21.29
N LEU A 207 -0.86 13.00 21.00
CA LEU A 207 -0.69 11.55 21.06
C LEU A 207 -1.02 10.82 19.77
N THR A 208 -0.24 9.79 19.50
CA THR A 208 -0.58 8.87 18.46
C THR A 208 -0.29 7.45 18.96
N TYR A 209 -0.63 6.46 18.16
CA TYR A 209 -0.56 5.05 18.55
C TYR A 209 0.02 4.25 17.41
N LYS A 210 0.44 3.02 17.71
CA LYS A 210 1.01 2.14 16.72
C LYS A 210 -0.11 1.32 16.03
N TYR A 211 0.00 1.07 14.73
CA TYR A 211 -0.76 -0.05 14.15
C TYR A 211 0.22 -1.12 13.66
N ASN A 212 0.26 -2.21 14.41
CA ASN A 212 1.28 -3.25 14.27
C ASN A 212 2.68 -2.65 14.46
N LYS A 213 3.36 -2.45 13.34
CA LYS A 213 4.80 -2.28 13.27
C LYS A 213 5.16 -0.86 12.88
N PHE A 214 4.14 -0.09 12.48
CA PHE A 214 4.31 1.35 12.18
C PHE A 214 3.33 2.28 12.93
N TYR A 215 3.72 3.56 13.09
CA TYR A 215 2.94 4.52 13.85
C TYR A 215 1.92 5.18 12.96
N ILE A 216 0.68 5.34 13.41
CA ILE A 216 -0.32 6.04 12.58
C ILE A 216 -0.02 7.52 12.55
N ASP A 217 -0.52 8.16 11.50
CA ASP A 217 -0.21 9.54 11.19
C ASP A 217 -1.33 10.49 11.62
N PRO A 218 -1.07 11.38 12.61
CA PRO A 218 -2.20 12.09 13.21
C PRO A 218 -2.91 13.00 12.20
N ALA A 219 -2.16 13.56 11.26
CA ALA A 219 -2.80 14.37 10.24
C ALA A 219 -3.97 13.64 9.57
N MET A 220 -3.77 12.36 9.26
CA MET A 220 -4.78 11.49 8.67
C MET A 220 -6.05 11.43 9.55
N GLU A 221 -5.86 11.49 10.88
CA GLU A 221 -7.00 11.41 11.84
C GLU A 221 -7.77 12.71 11.93
N LEU A 222 -7.06 13.81 11.78
CA LEU A 222 -7.71 15.10 11.66
C LEU A 222 -8.58 15.12 10.41
N THR A 223 -7.98 14.71 9.29
CA THR A 223 -8.67 14.59 8.00
C THR A 223 -9.96 13.81 8.12
N LYS A 224 -9.92 12.69 8.82
CA LYS A 224 -11.14 11.92 9.08
C LYS A 224 -12.30 12.80 9.61
N CYS A 225 -11.94 13.76 10.48
CA CYS A 225 -12.86 14.64 11.21
C CYS A 225 -13.37 15.81 10.39
N LEU A 226 -12.44 16.41 9.66
CA LEU A 226 -12.78 17.43 8.69
C LEU A 226 -13.80 16.85 7.71
N ILE A 227 -13.49 15.67 7.18
CA ILE A 227 -14.43 14.93 6.36
C ILE A 227 -15.81 14.87 7.01
N LYS A 228 -15.88 14.47 8.29
CA LYS A 228 -17.19 14.37 8.93
C LYS A 228 -17.95 15.71 8.96
N SER A 229 -17.23 16.79 9.21
CA SER A 229 -17.90 18.08 9.35
C SER A 229 -18.48 18.62 8.03
N LEU A 230 -18.09 18.05 6.90
CA LEU A 230 -18.72 18.47 5.67
C LEU A 230 -20.19 18.10 5.66
N TYR A 231 -20.52 16.93 6.25
CA TYR A 231 -21.93 16.52 6.41
C TYR A 231 -22.70 17.51 7.28
N PHE A 232 -22.04 18.00 8.34
CA PHE A 232 -22.63 18.99 9.22
C PHE A 232 -22.75 20.35 8.55
N LEU A 233 -21.82 20.68 7.65
CA LEU A 233 -21.83 21.96 6.92
C LEU A 233 -22.79 21.91 5.76
N TYR A 234 -23.01 20.69 5.24
CA TYR A 234 -23.98 20.44 4.18
C TYR A 234 -25.45 20.20 4.64
N GLY A 235 -25.64 19.70 5.86
CA GLY A 235 -26.99 19.51 6.40
C GLY A 235 -27.54 18.13 6.09
N ILE A 236 -26.63 17.16 5.97
CA ILE A 236 -26.95 15.76 5.68
C ILE A 236 -26.43 14.76 6.74
N LYS A 237 -26.17 15.21 7.97
CA LYS A 237 -25.89 14.28 9.07
C LYS A 237 -26.99 13.24 9.04
N PRO A 238 -26.62 11.94 8.96
CA PRO A 238 -27.62 10.89 8.86
C PRO A 238 -28.22 10.62 10.21
N SER A 239 -29.51 10.30 10.18
CA SER A 239 -30.30 9.99 11.36
C SER A 239 -29.55 9.00 12.24
N ASP A 240 -29.63 9.21 13.55
CA ASP A 240 -28.83 8.44 14.51
C ASP A 240 -28.99 6.90 14.38
N ASP A 241 -30.13 6.46 13.86
CA ASP A 241 -30.48 5.03 13.78
C ASP A 241 -30.40 4.50 12.36
N LEU A 242 -29.46 5.07 11.62
CA LEU A 242 -29.10 4.62 10.30
C LEU A 242 -27.75 3.96 10.49
N VAL A 243 -27.80 2.71 10.90
CA VAL A 243 -26.66 2.01 11.45
C VAL A 243 -26.61 0.66 10.75
N VAL A 244 -25.42 0.18 10.39
CA VAL A 244 -25.30 -1.12 9.77
C VAL A 244 -24.48 -2.05 10.58
N PRO A 245 -24.73 -3.36 10.44
CA PRO A 245 -23.92 -4.24 11.27
C PRO A 245 -22.47 -4.27 10.78
N TYR A 246 -21.57 -4.37 11.77
CA TYR A 246 -20.14 -4.16 11.58
C TYR A 246 -19.35 -5.42 11.82
N ARG A 247 -19.59 -6.01 12.98
CA ARG A 247 -18.88 -7.17 13.48
C ARG A 247 -19.85 -7.97 14.37
N LEU A 248 -19.85 -9.31 14.26
CA LEU A 248 -20.62 -10.17 15.19
C LEU A 248 -19.83 -10.38 16.49
N ARG A 249 -20.52 -10.40 17.64
CA ARG A 249 -19.81 -10.50 18.91
C ARG A 249 -19.74 -11.92 19.41
N THR A 250 -18.66 -12.58 18.99
CA THR A 250 -18.39 -14.00 19.26
C THR A 250 -17.38 -14.17 20.38
N GLU A 251 -17.33 -13.18 21.28
CA GLU A 251 -16.68 -13.33 22.57
C GLU A 251 -17.82 -13.55 23.54
N LEU A 252 -19.04 -13.45 22.99
CA LEU A 252 -20.27 -13.44 23.76
C LEU A 252 -21.18 -14.63 23.47
N ASP A 253 -22.06 -14.93 24.44
CA ASP A 253 -22.76 -16.21 24.54
C ASP A 253 -23.91 -16.42 23.55
N ASN A 254 -24.39 -15.33 22.96
CA ASN A 254 -25.50 -15.34 22.00
C ASN A 254 -25.21 -14.52 20.74
N LYS A 255 -26.15 -14.54 19.78
CA LYS A 255 -26.02 -13.80 18.48
C LYS A 255 -26.18 -12.31 18.75
N GLN A 256 -25.05 -11.62 18.79
CA GLN A 256 -25.00 -10.22 19.17
C GLN A 256 -24.09 -9.44 18.21
N PHE A 257 -24.65 -8.39 17.60
CA PHE A 257 -23.91 -7.51 16.66
C PHE A 257 -23.48 -6.17 17.24
N SER A 258 -22.21 -5.88 17.05
CA SER A 258 -21.75 -4.51 17.04
C SER A 258 -22.23 -3.85 15.76
N GLN A 259 -22.87 -2.70 15.95
CA GLN A 259 -23.37 -1.92 14.85
C GLN A 259 -22.70 -0.55 14.79
N LEU A 260 -22.67 0.03 13.58
CA LEU A 260 -21.90 1.21 13.25
C LEU A 260 -22.71 2.16 12.36
N ASN A 261 -22.83 3.43 12.75
CA ASN A 261 -23.60 4.37 11.94
C ASN A 261 -23.08 4.50 10.51
N ILE A 262 -23.99 4.42 9.54
CA ILE A 262 -23.66 4.70 8.13
C ILE A 262 -22.55 5.74 7.87
N ILE A 263 -22.64 6.93 8.51
CA ILE A 263 -21.70 8.05 8.24
C ILE A 263 -20.27 7.62 8.47
N ASP A 264 -20.00 6.98 9.60
CA ASP A 264 -18.64 6.61 9.87
C ASP A 264 -18.16 5.52 8.94
N LEU A 265 -19.08 4.68 8.48
CA LEU A 265 -18.73 3.60 7.56
C LEU A 265 -18.19 4.17 6.25
N LEU A 266 -18.87 5.22 5.79
CA LEU A 266 -18.54 5.82 4.52
C LEU A 266 -17.25 6.59 4.61
N ILE A 267 -17.13 7.43 5.62
CA ILE A 267 -15.95 8.28 5.79
C ILE A 267 -14.74 7.43 6.19
N SER A 268 -15.01 6.25 6.78
CA SER A 268 -13.97 5.30 7.13
C SER A 268 -13.24 4.75 5.90
N GLY A 269 -13.98 4.37 4.87
CA GLY A 269 -13.35 3.65 3.76
C GLY A 269 -12.71 2.38 4.31
N GLY A 270 -11.67 1.88 3.62
CA GLY A 270 -11.08 0.57 3.96
C GLY A 270 -11.83 -0.57 3.28
N VAL A 271 -11.74 -1.77 3.85
CA VAL A 271 -12.43 -2.97 3.32
C VAL A 271 -13.95 -2.99 3.62
N ASP A 272 -14.32 -2.71 4.86
CA ASP A 272 -15.69 -2.91 5.34
C ASP A 272 -16.86 -2.38 4.48
N LEU A 273 -16.73 -1.18 3.91
CA LEU A 273 -17.79 -0.58 3.06
C LEU A 273 -17.82 -1.23 1.70
N GLU A 274 -16.76 -1.97 1.37
CA GLU A 274 -16.75 -2.78 0.15
C GLU A 274 -17.78 -3.92 0.23
N PHE A 275 -18.40 -4.12 1.38
CA PHE A 275 -19.50 -5.07 1.46
C PHE A 275 -20.89 -4.48 1.30
N ILE A 276 -20.99 -3.16 1.48
CA ILE A 276 -22.26 -2.42 1.39
C ILE A 276 -22.30 -1.51 0.16
N ASN A 277 -21.14 -0.99 -0.22
CA ASN A 277 -20.98 -0.30 -1.50
C ASN A 277 -20.73 -1.36 -2.53
N THR A 278 -21.82 -1.87 -3.08
CA THR A 278 -21.79 -2.92 -4.07
C THR A 278 -22.60 -2.38 -5.23
N ASN A 279 -22.44 -2.98 -6.41
CA ASN A 279 -23.32 -2.73 -7.55
C ASN A 279 -24.03 -4.03 -7.84
N PRO A 280 -25.32 -4.11 -7.52
CA PRO A 280 -26.04 -3.00 -6.90
C PRO A 280 -25.82 -2.87 -5.38
N TYR A 281 -25.94 -1.63 -4.88
CA TYR A 281 -26.24 -1.29 -3.48
C TYR A 281 -27.33 -2.25 -2.99
N TRP A 282 -27.09 -3.03 -1.94
CA TRP A 282 -28.15 -3.94 -1.55
C TRP A 282 -28.92 -3.40 -0.39
N PHE A 283 -28.26 -2.55 0.38
CA PHE A 283 -28.82 -1.94 1.56
C PHE A 283 -29.11 -0.47 1.24
N THR A 284 -30.29 0.01 1.61
CA THR A 284 -30.62 1.47 1.56
C THR A 284 -31.73 1.97 2.45
N ASN A 285 -32.18 3.19 2.13
CA ASN A 285 -32.75 4.03 3.15
C ASN A 285 -33.21 5.42 2.70
N SER A 286 -34.20 5.96 3.40
CA SER A 286 -34.85 7.26 3.07
C SER A 286 -33.87 8.40 2.98
N TYR A 287 -32.72 8.20 3.59
CA TYR A 287 -31.75 9.26 3.84
C TYR A 287 -31.05 9.79 2.59
N PHE A 288 -30.77 8.88 1.67
CA PHE A 288 -30.04 9.19 0.45
C PHE A 288 -30.92 9.92 -0.55
N SER A 289 -32.08 9.30 -0.80
CA SER A 289 -33.09 9.83 -1.67
C SER A 289 -33.52 11.20 -1.16
N ASN A 290 -33.80 11.26 0.14
CA ASN A 290 -34.20 12.50 0.76
C ASN A 290 -33.06 13.52 0.81
N SER A 291 -31.83 13.06 1.06
CA SER A 291 -30.66 13.95 1.07
C SER A 291 -30.44 14.69 -0.28
N ILE A 292 -30.52 13.93 -1.37
CA ILE A 292 -30.54 14.53 -2.71
C ILE A 292 -31.73 15.47 -2.94
N LYS A 293 -32.94 15.08 -2.49
CA LYS A 293 -34.12 15.95 -2.48
C LYS A 293 -33.87 17.32 -1.85
N MET A 294 -33.59 17.36 -0.53
CA MET A 294 -33.56 18.63 0.22
C MET A 294 -32.33 19.44 -0.17
N PHE A 295 -31.26 18.76 -0.57
CA PHE A 295 -30.15 19.45 -1.22
C PHE A 295 -30.63 20.32 -2.37
N GLU A 296 -31.46 19.74 -3.23
CA GLU A 296 -32.00 20.44 -4.39
C GLU A 296 -32.78 21.68 -4.01
N LYS A 297 -33.68 21.55 -3.05
CA LYS A 297 -34.54 22.64 -2.64
C LYS A 297 -33.65 23.77 -2.21
N TYR A 298 -32.66 23.44 -1.38
CA TYR A 298 -31.72 24.44 -0.84
C TYR A 298 -30.78 24.99 -1.94
N LYS A 299 -30.42 24.15 -2.93
CA LYS A 299 -29.68 24.58 -4.12
C LYS A 299 -30.49 25.61 -4.91
N ASN A 300 -31.78 25.30 -5.03
CA ASN A 300 -32.75 26.15 -5.69
C ASN A 300 -33.08 27.47 -5.08
N ILE A 301 -33.26 27.49 -3.76
CA ILE A 301 -33.43 28.73 -3.02
C ILE A 301 -32.25 29.66 -3.33
N TYR A 302 -31.05 29.08 -3.47
CA TYR A 302 -29.89 29.88 -3.82
C TYR A 302 -29.99 30.39 -5.24
N GLU A 303 -30.11 29.45 -6.17
CA GLU A 303 -30.32 29.73 -7.60
C GLU A 303 -31.34 30.85 -7.78
N THR A 304 -32.58 30.56 -7.37
CA THR A 304 -33.72 31.45 -7.59
C THR A 304 -33.58 32.81 -6.87
N GLU A 305 -33.38 32.77 -5.54
CA GLU A 305 -33.46 33.95 -4.66
C GLU A 305 -32.13 34.60 -4.35
N ILE A 306 -31.18 33.81 -3.86
CA ILE A 306 -29.93 34.35 -3.36
C ILE A 306 -28.93 34.84 -4.43
N GLU A 307 -28.66 34.02 -5.44
CA GLU A 307 -27.70 34.43 -6.46
C GLU A 307 -28.16 35.68 -7.18
N GLY A 308 -27.25 36.65 -7.27
CA GLY A 308 -27.49 37.86 -8.04
C GLY A 308 -28.51 38.81 -7.44
N ASN A 309 -28.94 38.58 -6.20
CA ASN A 309 -29.71 39.59 -5.50
C ASN A 309 -28.79 40.68 -4.92
N ASN A 310 -29.08 41.93 -5.27
CA ASN A 310 -28.24 43.09 -4.93
C ASN A 310 -28.54 43.73 -3.55
N ALA A 311 -29.33 43.02 -2.77
CA ALA A 311 -29.42 43.29 -1.35
C ALA A 311 -28.48 42.32 -0.63
N ILE A 312 -27.92 41.35 -1.37
CA ILE A 312 -27.31 40.16 -0.76
C ILE A 312 -25.82 40.19 -0.44
N GLY A 313 -24.94 40.36 -1.44
CA GLY A 313 -23.52 40.56 -1.14
C GLY A 313 -22.61 39.36 -1.32
N ASN A 314 -21.41 39.64 -1.79
CA ASN A 314 -20.58 38.62 -2.42
C ASN A 314 -19.87 37.69 -1.45
N ASP A 315 -19.42 38.23 -0.32
CA ASP A 315 -18.82 37.40 0.74
C ASP A 315 -19.63 36.11 0.99
N ILE A 316 -20.95 36.19 0.76
CA ILE A 316 -21.86 35.06 0.98
C ILE A 316 -22.29 34.37 -0.30
N LYS A 317 -22.92 35.09 -1.23
CA LYS A 317 -23.55 34.41 -2.38
C LYS A 317 -22.53 33.69 -3.27
N LEU A 318 -21.32 34.25 -3.34
CA LEU A 318 -20.19 33.63 -4.03
C LEU A 318 -19.84 32.25 -3.47
N ARG A 319 -19.84 32.17 -2.14
CA ARG A 319 -19.52 30.95 -1.39
C ARG A 319 -20.61 29.92 -1.49
N LEU A 320 -21.84 30.39 -1.51
CA LEU A 320 -22.95 29.54 -1.83
C LEU A 320 -22.77 28.95 -3.21
N LYS A 321 -22.48 29.77 -4.22
CA LYS A 321 -22.23 29.20 -5.53
C LYS A 321 -21.24 28.06 -5.41
N GLN A 322 -20.17 28.30 -4.63
CA GLN A 322 -19.11 27.30 -4.42
C GLN A 322 -19.57 26.05 -3.65
N LYS A 323 -20.43 26.24 -2.64
CA LYS A 323 -21.02 25.11 -1.90
C LYS A 323 -21.85 24.24 -2.85
N PHE A 324 -22.34 24.83 -3.92
CA PHE A 324 -23.22 24.09 -4.78
C PHE A 324 -22.58 23.51 -6.02
N GLN A 325 -21.33 23.91 -6.27
CA GLN A 325 -20.52 23.27 -7.34
C GLN A 325 -20.12 21.81 -6.94
N ASN A 326 -20.41 21.42 -5.69
CA ASN A 326 -20.27 20.03 -5.24
C ASN A 326 -21.63 19.45 -4.88
N SER A 327 -21.74 18.12 -5.02
CA SER A 327 -23.00 17.40 -4.75
C SER A 327 -22.88 16.58 -3.47
N VAL A 328 -24.05 16.28 -2.91
CA VAL A 328 -24.18 15.37 -1.78
C VAL A 328 -23.38 14.13 -2.10
N GLN A 329 -23.67 13.58 -3.28
CA GLN A 329 -23.06 12.36 -3.79
C GLN A 329 -21.51 12.34 -3.75
N ASP A 330 -20.90 13.51 -4.00
CA ASP A 330 -19.44 13.72 -3.95
C ASP A 330 -18.92 13.54 -2.53
N ILE A 331 -19.61 14.18 -1.60
CA ILE A 331 -19.28 14.11 -0.19
C ILE A 331 -19.41 12.70 0.39
N TRP A 332 -20.39 11.95 -0.11
CA TRP A 332 -20.58 10.57 0.34
C TRP A 332 -19.45 9.64 -0.03
N ASN A 333 -19.09 9.69 -1.31
CA ASN A 333 -18.03 8.86 -1.87
C ASN A 333 -16.61 9.43 -1.56
N LEU A 334 -16.56 10.42 -0.66
CA LEU A 334 -15.31 10.98 -0.09
C LEU A 334 -14.90 10.34 1.27
N ASN A 335 -13.64 9.91 1.38
CA ASN A 335 -13.14 9.25 2.60
C ASN A 335 -11.66 8.94 2.61
N LEU A 336 -11.18 8.43 3.75
CA LEU A 336 -9.77 8.13 4.00
C LEU A 336 -8.99 7.24 3.02
N ASN A 337 -9.68 6.51 2.14
CA ASN A 337 -9.01 5.79 1.05
C ASN A 337 -8.18 6.71 0.14
N TYR A 338 -8.87 7.69 -0.44
CA TYR A 338 -8.29 8.63 -1.41
C TYR A 338 -7.08 9.40 -0.78
N PHE A 339 -7.16 9.65 0.54
CA PHE A 339 -6.08 10.29 1.31
C PHE A 339 -4.98 9.36 1.80
N SER A 340 -5.28 8.09 2.02
CA SER A 340 -4.24 7.18 2.48
C SER A 340 -3.19 7.04 1.39
N LYS A 341 -3.65 7.13 0.15
CA LYS A 341 -2.77 7.13 -0.98
C LYS A 341 -2.05 8.47 -1.06
N GLU A 342 -2.84 9.56 -1.00
CA GLU A 342 -2.36 10.95 -1.16
C GLU A 342 -1.35 11.38 -0.10
N PHE A 343 -1.55 10.94 1.14
CA PHE A 343 -0.66 11.32 2.21
C PHE A 343 0.50 10.33 2.27
N ASN A 344 0.24 9.11 1.78
CA ASN A 344 1.04 7.91 2.05
C ASN A 344 1.05 7.61 3.54
N SER A 345 -0.16 7.47 4.11
CA SER A 345 -0.33 6.89 5.44
C SER A 345 -0.91 5.50 5.30
N ILE A 346 -0.38 4.56 6.06
CA ILE A 346 -1.07 3.32 6.28
C ILE A 346 -1.88 3.60 7.52
N ILE A 347 -3.18 3.32 7.42
CA ILE A 347 -4.12 3.41 8.53
C ILE A 347 -5.06 2.22 8.33
N PRO A 348 -5.43 1.49 9.41
CA PRO A 348 -6.14 0.20 9.31
C PRO A 348 -7.31 0.19 8.33
N ASP A 349 -7.42 -0.92 7.59
CA ASP A 349 -8.39 -1.08 6.49
C ASP A 349 -9.45 -2.10 6.86
N ARG A 350 -9.13 -2.93 7.85
CA ARG A 350 -10.07 -3.93 8.37
C ARG A 350 -10.54 -3.58 9.78
N PHE A 351 -11.87 -3.50 9.94
CA PHE A 351 -12.52 -3.29 11.23
C PHE A 351 -11.99 -2.11 12.02
N SER A 352 -11.73 -1.03 11.30
CA SER A 352 -11.12 0.19 11.82
C SER A 352 -11.82 0.76 13.04
N ASN A 353 -13.14 0.55 13.10
CA ASN A 353 -14.01 1.19 14.10
C ASN A 353 -14.09 0.38 15.37
N ALA A 354 -13.94 -0.94 15.23
CA ALA A 354 -13.97 -1.86 16.38
C ALA A 354 -12.60 -2.35 16.85
N LEU A 355 -11.54 -1.65 16.39
CA LEU A 355 -10.16 -1.99 16.71
C LEU A 355 -9.93 -2.18 18.18
N LYS A 356 -10.66 -1.41 18.99
CA LYS A 356 -10.55 -1.42 20.46
C LYS A 356 -10.65 -2.83 21.05
N HIS A 357 -11.38 -3.71 20.33
CA HIS A 357 -11.49 -5.17 20.61
C HIS A 357 -10.29 -5.98 20.21
N PHE A 358 -9.75 -5.66 19.04
CA PHE A 358 -8.66 -6.42 18.45
C PHE A 358 -7.26 -5.99 18.92
N TYR A 359 -7.19 -4.76 19.43
CA TYR A 359 -5.92 -4.11 19.67
C TYR A 359 -5.77 -3.55 21.07
N ARG A 360 -4.74 -4.01 21.78
CA ARG A 360 -4.37 -3.31 23.00
C ARG A 360 -3.50 -2.12 22.63
N LYS A 361 -4.18 -1.02 22.26
CA LYS A 361 -3.62 0.23 21.70
C LYS A 361 -2.55 0.88 22.54
N GLN A 362 -1.47 1.34 21.91
CA GLN A 362 -0.41 1.95 22.69
C GLN A 362 0.05 3.33 22.26
N TYR A 363 0.26 4.21 23.27
CA TYR A 363 0.29 5.67 23.07
C TYR A 363 1.61 6.40 23.14
N TYR A 364 1.93 7.07 22.04
CA TYR A 364 3.22 7.73 21.90
C TYR A 364 3.11 9.24 21.80
N THR A 365 4.03 9.88 22.51
CA THR A 365 4.13 11.32 22.60
C THR A 365 4.67 11.90 21.27
N MET A 366 4.18 13.07 20.85
CA MET A 366 4.39 13.54 19.49
C MET A 366 5.19 14.83 19.39
N ASP A 367 6.39 14.81 18.81
CA ASP A 367 7.16 16.06 18.62
C ASP A 367 7.10 16.70 17.25
N TYR A 368 6.42 17.84 17.18
CA TYR A 368 6.51 18.68 16.01
C TYR A 368 7.56 19.76 16.37
N GLY A 369 8.15 20.44 15.39
CA GLY A 369 8.08 20.05 13.99
C GLY A 369 9.35 19.31 13.61
N ASP A 370 9.98 18.67 14.60
CA ASP A 370 11.25 17.96 14.36
C ASP A 370 11.07 16.53 13.81
N ASN A 371 10.23 15.70 14.42
CA ASN A 371 9.98 14.37 13.86
C ASN A 371 8.84 14.41 12.86
N TYR A 372 8.24 15.59 12.70
CA TYR A 372 7.07 15.77 11.83
C TYR A 372 7.07 17.10 11.04
N ASN A 373 7.14 16.96 9.71
CA ASN A 373 7.31 18.07 8.80
C ASN A 373 6.04 18.28 7.97
N ILE A 374 5.99 19.36 7.18
CA ILE A 374 4.94 19.54 6.15
C ILE A 374 4.96 18.37 5.15
N ASN A 375 5.95 17.49 5.37
CA ASN A 375 6.20 16.25 4.64
C ASN A 375 5.42 15.06 5.17
N GLY A 376 5.26 15.02 6.49
CA GLY A 376 4.72 13.87 7.19
C GLY A 376 5.80 13.57 8.20
N PHE A 377 5.57 12.60 9.08
CA PHE A 377 6.65 12.11 9.93
C PHE A 377 7.92 12.17 9.08
N VAL A 378 8.89 12.96 9.49
CA VAL A 378 10.22 12.86 8.89
C VAL A 378 10.78 11.49 9.32
N ASN A 379 11.24 10.68 8.35
CA ASN A 379 11.58 9.24 8.53
C ASN A 379 10.50 8.23 8.09
N GLY A 380 9.35 8.73 7.62
CA GLY A 380 8.20 7.87 7.32
C GLY A 380 7.53 7.29 8.57
N GLN A 381 6.33 6.71 8.38
CA GLN A 381 5.54 6.08 9.45
C GLN A 381 6.25 4.92 10.14
N ILE A 382 7.31 4.45 9.49
CA ILE A 382 7.88 3.18 9.80
C ILE A 382 9.05 3.35 10.71
N ASN A 383 9.87 4.32 10.34
CA ASN A 383 11.10 4.54 11.06
C ASN A 383 10.97 5.54 12.20
N THR A 384 10.29 6.67 11.95
CA THR A 384 10.11 7.70 12.98
C THR A 384 9.91 7.00 14.34
N LYS A 385 10.87 7.14 15.26
CA LYS A 385 10.81 6.43 16.57
C LYS A 385 10.42 7.36 17.71
N LEU A 386 9.21 7.16 18.22
CA LEU A 386 8.63 8.09 19.15
C LEU A 386 8.70 7.54 20.56
N PRO A 387 8.52 8.41 21.55
CA PRO A 387 8.57 8.08 22.97
C PRO A 387 7.20 7.64 23.47
N LEU A 388 7.13 6.55 24.22
CA LEU A 388 5.87 6.16 24.89
C LEU A 388 5.46 7.25 25.87
N SER A 389 4.16 7.47 26.06
CA SER A 389 3.70 8.49 27.02
C SER A 389 3.39 7.95 28.43
N ASP A 390 3.65 8.76 29.45
CA ASP A 390 3.46 8.32 30.84
C ASP A 390 2.00 7.97 31.11
N LYS A 391 1.13 8.48 30.24
CA LYS A 391 -0.30 8.29 30.35
C LYS A 391 -0.71 6.84 30.06
N ASN A 392 0.17 6.09 29.39
CA ASN A 392 -0.14 4.70 29.04
C ASN A 392 -0.70 3.92 30.25
N THR A 393 -0.25 4.27 31.46
CA THR A 393 -0.70 3.60 32.70
C THR A 393 -2.14 3.95 33.12
N ASN A 394 -2.51 5.22 32.95
CA ASN A 394 -3.86 5.70 33.33
C ASN A 394 -4.96 5.25 32.36
N ILE A 395 -4.59 4.47 31.32
CA ILE A 395 -5.50 3.90 30.30
C ILE A 395 -6.40 2.84 30.91
N ILE A 396 -7.69 3.13 30.87
CA ILE A 396 -8.68 2.26 31.48
C ILE A 396 -8.69 0.85 30.90
N SER A 397 -8.83 -0.12 31.81
CA SER A 397 -8.94 -1.50 31.41
C SER A 397 -10.19 -2.10 32.01
N LYS A 398 -11.31 -1.96 31.29
CA LYS A 398 -12.63 -2.53 31.66
C LYS A 398 -13.06 -3.59 30.64
N PRO A 399 -12.44 -4.81 30.69
CA PRO A 399 -12.62 -5.94 29.76
C PRO A 399 -14.05 -6.38 29.65
N GLU A 400 -14.44 -6.87 28.49
CA GLU A 400 -15.78 -7.44 28.32
C GLU A 400 -15.89 -8.66 29.21
N LYS A 401 -14.87 -9.53 29.16
CA LYS A 401 -14.63 -10.58 30.17
C LYS A 401 -13.14 -10.87 30.49
N VAL A 402 -12.91 -11.52 31.63
CA VAL A 402 -11.58 -11.89 32.13
C VAL A 402 -11.45 -13.42 32.17
N VAL A 403 -10.69 -13.99 31.22
CA VAL A 403 -10.46 -15.43 31.17
C VAL A 403 -9.45 -15.84 32.25
N ASN A 404 -9.98 -16.48 33.29
CA ASN A 404 -9.19 -17.01 34.40
C ASN A 404 -8.74 -18.43 34.08
N LEU A 405 -7.44 -18.60 33.87
CA LEU A 405 -6.90 -19.91 33.56
C LEU A 405 -6.55 -20.59 34.85
N VAL A 406 -7.42 -21.50 35.28
CA VAL A 406 -7.22 -22.21 36.53
C VAL A 406 -6.92 -23.66 36.20
N ASN A 407 -6.04 -24.30 37.00
CA ASN A 407 -5.65 -25.71 36.81
C ASN A 407 -6.71 -26.72 37.31
N ALA A 408 -6.35 -28.02 37.33
CA ALA A 408 -7.19 -29.06 37.91
C ALA A 408 -7.67 -28.74 39.34
N ASN A 409 -6.75 -28.27 40.19
CA ASN A 409 -7.06 -27.87 41.59
C ASN A 409 -7.72 -26.51 41.67
N ASN A 410 -8.15 -26.01 40.52
CA ASN A 410 -9.01 -24.82 40.40
C ASN A 410 -8.42 -23.59 41.09
N ILE A 411 -7.09 -23.48 41.00
CA ILE A 411 -6.38 -22.26 41.36
C ILE A 411 -6.07 -21.49 40.07
N SER A 412 -6.16 -20.16 40.20
CA SER A 412 -5.81 -19.20 39.17
C SER A 412 -4.34 -19.36 38.78
N LEU A 413 -4.08 -19.57 37.48
CA LEU A 413 -2.72 -19.55 36.89
C LEU A 413 -2.41 -18.18 36.33
N MET A 414 -3.32 -17.72 35.50
CA MET A 414 -3.21 -16.46 34.78
C MET A 414 -4.64 -16.07 34.38
N LYS A 415 -4.98 -14.80 34.55
CA LYS A 415 -6.30 -14.34 34.13
C LYS A 415 -6.07 -13.38 32.98
N SER A 416 -6.79 -13.61 31.89
CA SER A 416 -6.60 -12.88 30.63
C SER A 416 -7.83 -12.05 30.23
N ASN A 417 -7.61 -10.79 29.86
CA ASN A 417 -8.69 -9.86 29.50
C ASN A 417 -9.15 -9.90 28.05
N ILE A 418 -10.44 -9.68 27.83
CA ILE A 418 -11.03 -9.68 26.48
C ILE A 418 -11.86 -8.40 26.32
N TYR A 419 -11.40 -7.50 25.45
CA TYR A 419 -11.94 -6.16 25.45
C TYR A 419 -13.09 -5.95 24.48
N GLY A 420 -13.94 -4.98 24.82
CA GLY A 420 -15.08 -4.61 23.98
C GLY A 420 -14.67 -3.63 22.92
N ASP A 421 -15.44 -3.54 21.84
CA ASP A 421 -15.05 -2.68 20.71
C ASP A 421 -15.54 -1.25 20.85
N GLY A 422 -16.61 -1.06 21.62
CA GLY A 422 -17.04 0.27 22.00
C GLY A 422 -18.43 0.49 21.51
N LEU A 423 -18.72 -0.09 20.33
CA LEU A 423 -20.00 0.07 19.63
C LEU A 423 -21.35 -0.30 20.35
N LYS A 424 -22.46 0.16 19.76
CA LYS A 424 -23.80 -0.16 20.21
C LYS A 424 -24.08 -1.63 19.93
N GLY A 425 -24.91 -2.26 20.75
CA GLY A 425 -25.14 -3.71 20.61
C GLY A 425 -26.52 -4.15 20.17
N THR A 426 -26.61 -4.90 19.05
CA THR A 426 -27.87 -5.50 18.55
C THR A 426 -29.11 -4.72 18.97
N THR A 427 -30.07 -5.29 19.70
CA THR A 427 -30.28 -6.75 19.94
C THR A 427 -31.77 -7.07 19.67
N GLU A 428 -32.02 -7.67 18.51
CA GLU A 428 -30.99 -8.44 17.91
C GLU A 428 -30.97 -8.45 16.37
N ASP A 429 -30.83 -9.64 15.79
CA ASP A 429 -30.48 -9.92 14.38
C ASP A 429 -30.94 -9.00 13.24
N PHE A 430 -30.00 -8.41 12.53
CA PHE A 430 -30.29 -7.40 11.49
C PHE A 430 -30.63 -8.00 10.12
N TYR A 431 -29.88 -9.04 9.75
CA TYR A 431 -29.93 -9.64 8.42
C TYR A 431 -31.29 -10.24 8.22
N SER A 432 -31.78 -10.83 9.31
CA SER A 432 -33.14 -11.25 9.43
C SER A 432 -34.11 -10.12 9.16
N THR A 433 -33.95 -9.02 9.89
CA THR A 433 -34.97 -7.97 9.91
C THR A 433 -35.01 -7.09 8.64
N TYR A 434 -33.89 -6.96 7.94
CA TYR A 434 -33.84 -6.03 6.80
C TYR A 434 -34.26 -6.65 5.50
N LYS A 435 -35.37 -6.11 4.97
CA LYS A 435 -35.97 -6.58 3.74
C LYS A 435 -35.30 -5.92 2.55
N ILE A 436 -34.57 -6.75 1.80
CA ILE A 436 -33.82 -6.35 0.62
C ILE A 436 -34.79 -5.83 -0.46
N PRO A 437 -34.78 -4.51 -0.71
CA PRO A 437 -35.88 -3.84 -1.41
C PRO A 437 -36.04 -4.36 -2.83
N TYR A 438 -37.27 -4.63 -3.26
CA TYR A 438 -37.48 -5.08 -4.65
C TYR A 438 -37.08 -4.02 -5.68
N ASN A 439 -37.26 -2.75 -5.34
CA ASN A 439 -36.93 -1.64 -6.25
C ASN A 439 -35.42 -1.34 -6.37
N GLU A 440 -34.91 -1.40 -7.60
CA GLU A 440 -33.49 -1.18 -7.91
C GLU A 440 -33.15 0.32 -8.03
N GLU A 441 -33.76 1.14 -7.16
CA GLU A 441 -33.50 2.58 -7.08
C GLU A 441 -34.07 3.12 -5.77
N SER A 449 -19.84 5.35 -12.55
CA SER A 449 -18.89 5.04 -11.47
C SER A 449 -18.29 6.27 -10.78
N ASP A 450 -17.06 6.65 -11.16
CA ASP A 450 -16.28 7.76 -10.55
C ASP A 450 -14.91 7.25 -10.07
N ASN A 451 -14.19 8.11 -9.33
CA ASN A 451 -13.05 7.69 -8.48
C ASN A 451 -12.46 8.71 -7.49
N PHE A 452 -12.39 9.98 -7.87
CA PHE A 452 -11.81 11.01 -7.00
C PHE A 452 -12.71 12.25 -6.80
N PRO A 453 -12.73 12.82 -5.59
CA PRO A 453 -13.98 13.51 -5.29
C PRO A 453 -14.06 15.04 -5.33
N LEU A 454 -12.97 15.74 -5.04
CA LEU A 454 -13.00 17.21 -4.89
C LEU A 454 -12.26 18.02 -5.98
N ASN A 455 -12.02 17.42 -7.14
CA ASN A 455 -11.30 18.09 -8.23
C ASN A 455 -12.10 19.21 -8.89
N ASN A 456 -13.42 19.18 -8.68
CA ASN A 456 -14.33 20.24 -9.12
C ASN A 456 -13.90 21.61 -8.60
N ILE A 457 -13.41 21.61 -7.36
CA ILE A 457 -13.08 22.83 -6.65
C ILE A 457 -11.73 23.40 -7.08
N SER A 458 -11.83 24.58 -7.69
CA SER A 458 -10.73 25.35 -8.23
C SER A 458 -10.18 26.26 -7.11
N ILE A 459 -8.89 26.20 -6.79
CA ILE A 459 -8.37 27.00 -5.64
C ILE A 459 -7.99 28.45 -5.97
N GLU A 460 -7.63 28.71 -7.22
CA GLU A 460 -7.65 30.09 -7.71
C GLU A 460 -9.01 30.71 -7.31
N GLU A 461 -10.09 30.15 -7.85
CA GLU A 461 -11.52 30.55 -7.63
C GLU A 461 -11.93 30.79 -6.15
N VAL A 462 -11.62 29.82 -5.27
CA VAL A 462 -11.89 29.87 -3.81
C VAL A 462 -11.13 30.98 -3.07
N ASP A 463 -9.81 31.02 -3.21
CA ASP A 463 -8.99 32.03 -2.54
C ASP A 463 -9.21 33.45 -3.08
N SER A 464 -10.15 33.61 -4.01
CA SER A 464 -10.55 34.91 -4.58
C SER A 464 -11.74 35.58 -3.87
N ILE A 465 -12.52 34.77 -3.14
CA ILE A 465 -13.74 35.25 -2.47
C ILE A 465 -13.40 35.96 -1.16
N PRO A 466 -13.85 37.22 -1.03
CA PRO A 466 -13.53 38.09 0.12
C PRO A 466 -14.04 37.48 1.43
N GLU A 467 -13.27 37.66 2.51
CA GLU A 467 -13.71 37.20 3.83
C GLU A 467 -15.15 37.60 4.17
N ILE A 468 -15.94 36.68 4.73
CA ILE A 468 -17.24 37.07 5.30
C ILE A 468 -16.89 37.95 6.47
N ILE A 469 -17.46 39.13 6.44
CA ILE A 469 -17.11 40.17 7.37
C ILE A 469 -18.38 40.65 8.08
N ASP A 470 -19.41 40.96 7.30
CA ASP A 470 -20.71 41.31 7.84
C ASP A 470 -21.52 40.05 8.06
N ILE A 471 -21.56 39.62 9.31
CA ILE A 471 -22.46 38.53 9.66
C ILE A 471 -23.69 39.14 10.36
N ASN A 472 -24.86 38.72 9.92
CA ASN A 472 -26.12 39.08 10.56
C ASN A 472 -26.68 37.89 11.35
N PRO A 473 -26.41 37.86 12.68
CA PRO A 473 -26.61 36.61 13.45
C PRO A 473 -28.06 36.14 13.54
N TYR A 474 -28.30 34.85 13.26
CA TYR A 474 -29.57 34.19 13.59
C TYR A 474 -29.50 33.86 15.07
N LYS A 475 -30.38 34.44 15.87
CA LYS A 475 -30.19 34.40 17.31
C LYS A 475 -29.98 32.96 17.80
N ASP A 476 -30.74 32.04 17.24
CA ASP A 476 -30.90 30.72 17.83
C ASP A 476 -30.11 29.69 17.03
N ASN A 477 -28.79 29.88 17.02
CA ASN A 477 -27.86 29.14 16.15
C ASN A 477 -27.38 27.82 16.72
N SER A 478 -27.65 27.64 18.03
CA SER A 478 -27.16 26.52 18.84
C SER A 478 -28.20 25.86 19.77
N ASP A 479 -27.97 24.58 20.03
CA ASP A 479 -28.73 23.85 21.02
C ASP A 479 -28.02 24.02 22.36
N ASP A 480 -28.72 23.71 23.45
CA ASP A 480 -28.04 23.33 24.69
C ASP A 480 -27.44 21.93 24.46
N LEU A 481 -26.27 21.69 25.04
CA LEU A 481 -25.45 20.50 24.79
C LEU A 481 -25.82 19.35 25.76
N LEU A 482 -25.35 18.13 25.52
CA LEU A 482 -25.64 16.96 26.40
C LEU A 482 -24.45 15.99 26.75
N PHE A 483 -24.03 15.87 28.03
CA PHE A 483 -23.28 14.68 28.48
C PHE A 483 -24.23 13.50 28.53
N THR A 484 -23.87 12.43 27.82
CA THR A 484 -24.34 11.08 28.16
C THR A 484 -23.15 10.43 28.92
N GLN A 485 -23.36 9.34 29.68
CA GLN A 485 -22.30 8.60 30.42
C GLN A 485 -22.76 7.21 30.69
N ILE A 486 -21.86 6.24 30.68
CA ILE A 486 -22.32 4.89 31.03
C ILE A 486 -21.27 3.98 31.61
N THR A 487 -21.76 2.88 32.17
CA THR A 487 -20.95 1.95 32.94
C THR A 487 -20.49 0.75 32.15
N SER A 488 -19.39 0.15 32.61
CA SER A 488 -19.09 -1.20 32.18
C SER A 488 -19.28 -2.25 33.26
N THR A 489 -19.68 -3.41 32.75
CA THR A 489 -19.95 -4.60 33.50
C THR A 489 -19.08 -5.64 32.83
N THR A 490 -18.37 -6.41 33.66
CA THR A 490 -17.32 -7.32 33.21
C THR A 490 -17.53 -8.74 33.77
N GLU A 491 -17.53 -9.74 32.89
CA GLU A 491 -17.60 -11.15 33.33
C GLU A 491 -16.23 -11.70 33.72
N GLU A 492 -16.22 -12.49 34.78
CA GLU A 492 -15.14 -13.41 35.08
C GLU A 492 -15.59 -14.74 34.50
N VAL A 493 -14.68 -15.44 33.84
CA VAL A 493 -14.93 -16.85 33.55
C VAL A 493 -13.73 -17.67 34.03
N ILE A 494 -14.03 -18.83 34.62
CA ILE A 494 -13.03 -19.82 34.97
C ILE A 494 -12.83 -20.67 33.75
N THR A 495 -11.57 -21.02 33.50
CA THR A 495 -11.30 -22.02 32.50
C THR A 495 -10.05 -22.86 32.70
N HIS A 496 -10.23 -24.15 32.38
CA HIS A 496 -9.22 -25.18 32.56
C HIS A 496 -8.56 -25.42 31.22
N THR A 497 -9.11 -24.73 30.23
CA THR A 497 -8.68 -24.84 28.85
C THR A 497 -7.89 -23.57 28.49
N ALA A 498 -6.60 -23.66 28.21
CA ALA A 498 -5.85 -22.46 27.83
C ALA A 498 -6.42 -21.85 26.56
N LEU A 499 -6.53 -20.54 26.52
CA LEU A 499 -7.07 -19.88 25.34
C LEU A 499 -5.96 -19.20 24.61
N PRO A 500 -6.16 -18.91 23.31
CA PRO A 500 -5.25 -18.10 22.51
C PRO A 500 -4.79 -16.84 23.25
N VAL A 501 -5.74 -16.18 23.91
CA VAL A 501 -5.50 -14.97 24.70
C VAL A 501 -4.54 -15.20 25.90
N ASN A 502 -4.45 -16.47 26.31
CA ASN A 502 -3.53 -16.92 27.35
C ASN A 502 -2.13 -17.13 26.78
N TYR A 503 -2.09 -17.79 25.63
CA TYR A 503 -0.84 -18.06 24.95
C TYR A 503 -0.13 -16.77 24.69
N LEU A 504 -0.89 -15.77 24.27
CA LEU A 504 -0.36 -14.46 23.96
C LEU A 504 0.31 -13.88 25.17
N GLN A 505 -0.46 -13.80 26.24
CA GLN A 505 -0.03 -13.30 27.52
C GLN A 505 1.24 -14.01 27.98
N ALA A 506 1.44 -15.23 27.53
CA ALA A 506 2.55 -16.04 28.04
C ALA A 506 3.92 -15.65 27.47
N GLN A 507 3.92 -14.68 26.55
CA GLN A 507 5.14 -14.33 25.83
C GLN A 507 5.63 -12.92 26.17
N ILE A 508 5.27 -12.44 27.35
CA ILE A 508 5.65 -11.11 27.76
C ILE A 508 6.46 -11.29 29.00
N ILE A 509 7.43 -10.43 29.23
CA ILE A 509 8.35 -10.75 30.30
C ILE A 509 8.11 -10.26 31.70
N THR A 510 8.12 -11.25 32.57
CA THR A 510 7.93 -11.09 33.97
C THR A 510 9.30 -10.81 34.55
N ASN A 511 10.32 -11.46 34.00
CA ASN A 511 11.60 -11.50 34.70
C ASN A 511 12.75 -10.73 34.08
N GLU A 512 13.28 -9.77 34.82
CA GLU A 512 14.40 -9.02 34.30
C GLU A 512 15.53 -9.98 33.98
N ASN A 513 15.66 -11.03 34.78
CA ASN A 513 16.55 -12.15 34.42
C ASN A 513 15.74 -13.41 34.08
N PHE A 514 15.96 -14.01 32.90
CA PHE A 514 15.01 -15.00 32.33
C PHE A 514 15.52 -15.94 31.23
N THR A 515 14.81 -17.03 31.01
CA THR A 515 15.12 -17.96 29.93
C THR A 515 13.86 -18.37 29.19
N LEU A 516 14.01 -18.76 27.93
CA LEU A 516 12.85 -19.14 27.10
C LEU A 516 12.35 -20.56 27.40
N SER A 517 11.16 -20.90 26.89
CA SER A 517 10.60 -22.28 26.98
C SER A 517 9.45 -22.53 26.03
N SER A 518 9.28 -23.79 25.61
CA SER A 518 8.25 -24.14 24.63
C SER A 518 7.06 -24.88 25.24
N ASP A 519 7.14 -25.12 26.54
CA ASP A 519 6.07 -25.74 27.31
C ASP A 519 5.23 -24.67 28.00
N PHE A 520 4.01 -24.47 27.52
CA PHE A 520 3.15 -23.43 28.05
C PHE A 520 3.08 -23.51 29.59
N SER A 521 2.65 -24.67 30.09
CA SER A 521 2.40 -24.88 31.53
C SER A 521 3.66 -24.70 32.37
N LYS A 522 4.79 -25.12 31.81
CA LYS A 522 6.07 -25.01 32.50
C LYS A 522 6.34 -23.52 32.76
N VAL A 523 5.97 -22.69 31.79
CA VAL A 523 6.14 -21.25 31.87
C VAL A 523 5.22 -20.70 32.94
N VAL A 524 3.94 -21.12 32.91
CA VAL A 524 2.94 -20.60 33.84
C VAL A 524 3.30 -21.01 35.27
N SER A 525 3.69 -22.29 35.41
CA SER A 525 3.93 -22.96 36.70
C SER A 525 5.36 -22.78 37.21
N SER A 526 6.12 -21.94 36.51
CA SER A 526 7.37 -21.42 37.03
C SER A 526 7.01 -20.73 38.32
N LYS A 527 7.55 -21.26 39.42
CA LYS A 527 7.43 -20.64 40.73
C LYS A 527 8.17 -19.30 40.68
N ASP A 528 8.99 -19.16 39.64
CA ASP A 528 10.09 -18.18 39.57
C ASP A 528 9.71 -16.69 39.54
N LYS A 529 8.95 -16.20 38.55
CA LYS A 529 8.54 -16.90 37.33
C LYS A 529 9.41 -16.43 36.14
N SER A 530 10.57 -17.07 35.98
CA SER A 530 11.64 -16.64 35.06
C SER A 530 11.54 -17.21 33.65
N LEU A 531 10.51 -18.00 33.44
CA LEU A 531 10.27 -18.59 32.15
C LEU A 531 9.40 -17.62 31.36
N VAL A 532 9.61 -17.61 30.04
CA VAL A 532 8.69 -16.97 29.10
C VAL A 532 8.52 -17.83 27.84
N TYR A 533 7.26 -18.00 27.46
CA TYR A 533 6.90 -18.88 26.37
C TYR A 533 7.50 -18.36 25.07
N SER A 534 7.95 -19.29 24.23
CA SER A 534 8.57 -18.98 22.94
C SER A 534 8.42 -20.17 21.98
N PHE A 535 8.10 -19.90 20.72
CA PHE A 535 8.05 -20.97 19.71
C PHE A 535 9.25 -20.88 18.76
N LEU A 536 10.18 -19.99 19.12
CA LEU A 536 11.45 -19.90 18.42
C LEU A 536 12.28 -21.09 18.84
N ASP A 537 11.86 -22.26 18.35
CA ASP A 537 12.47 -23.53 18.69
C ASP A 537 13.99 -23.51 18.40
N ASN A 538 14.41 -22.93 17.27
CA ASN A 538 15.83 -22.89 16.99
C ASN A 538 16.62 -21.82 17.73
N LEU A 539 16.00 -20.66 18.00
CA LEU A 539 16.71 -19.60 18.72
C LEU A 539 17.16 -20.20 20.05
N MET A 540 16.22 -20.89 20.71
CA MET A 540 16.46 -21.62 21.97
C MET A 540 17.40 -22.82 21.82
N SER A 541 17.28 -23.53 20.69
CA SER A 541 18.07 -24.72 20.42
C SER A 541 19.55 -24.36 20.40
N TYR A 542 19.86 -23.32 19.63
CA TYR A 542 21.20 -22.75 19.55
C TYR A 542 21.61 -22.15 20.89
N LEU A 543 20.69 -21.44 21.52
CA LEU A 543 21.05 -20.78 22.76
C LEU A 543 21.36 -21.75 23.88
N GLU A 544 20.63 -22.88 23.93
CA GLU A 544 20.89 -23.95 24.92
C GLU A 544 22.23 -24.66 24.69
N THR A 545 22.63 -24.79 23.43
CA THR A 545 23.89 -25.44 23.12
C THR A 545 25.13 -24.59 23.49
N ILE A 546 25.03 -23.26 23.38
CA ILE A 546 26.14 -22.37 23.78
C ILE A 546 26.10 -22.02 25.27
N LYS A 547 25.05 -22.46 25.95
CA LYS A 547 24.85 -22.29 27.39
C LYS A 547 26.14 -22.31 28.24
N ASN A 548 26.94 -23.35 28.02
CA ASN A 548 28.06 -23.70 28.90
C ASN A 548 29.46 -23.36 28.36
N ASP A 549 29.51 -22.58 27.28
CA ASP A 549 30.76 -22.16 26.65
C ASP A 549 31.47 -21.00 27.38
N GLY A 550 32.56 -20.50 26.80
CA GLY A 550 33.28 -19.34 27.34
C GLY A 550 32.54 -18.01 27.18
N PRO A 551 33.15 -16.90 27.63
CA PRO A 551 32.54 -15.55 27.62
C PRO A 551 32.63 -14.86 26.25
N ILE A 552 31.89 -13.76 26.08
CA ILE A 552 31.98 -12.90 24.89
C ILE A 552 32.97 -11.75 25.15
N ASP A 553 34.16 -11.86 24.57
CA ASP A 553 35.23 -10.91 24.84
C ASP A 553 35.74 -10.17 23.59
N THR A 554 35.86 -10.90 22.48
CA THR A 554 36.13 -10.28 21.17
C THR A 554 34.86 -9.72 20.60
N ASP A 555 35.01 -8.65 19.82
CA ASP A 555 33.96 -8.24 18.91
C ASP A 555 33.67 -9.38 17.94
N LYS A 556 34.69 -10.17 17.62
CA LYS A 556 34.53 -11.34 16.74
C LYS A 556 33.52 -12.31 17.32
N LYS A 557 33.74 -12.68 18.58
CA LYS A 557 32.86 -13.62 19.27
C LYS A 557 31.45 -13.09 19.41
N TYR A 558 31.32 -11.77 19.59
CA TYR A 558 30.00 -11.16 19.61
C TYR A 558 29.34 -11.21 18.23
N TYR A 559 30.06 -10.81 17.18
CA TYR A 559 29.45 -10.75 15.85
C TYR A 559 28.94 -12.14 15.46
N LEU A 560 29.80 -13.14 15.61
CA LEU A 560 29.43 -14.55 15.43
C LEU A 560 28.08 -14.88 16.03
N TRP A 561 27.90 -14.46 17.29
CA TRP A 561 26.75 -14.81 18.11
C TRP A 561 25.54 -14.10 17.61
N LEU A 562 25.67 -12.80 17.47
CA LEU A 562 24.58 -12.00 16.96
C LEU A 562 24.11 -12.58 15.62
N LYS A 563 25.07 -12.93 14.76
CA LYS A 563 24.77 -13.49 13.44
C LYS A 563 23.91 -14.75 13.59
N GLU A 564 24.39 -15.72 14.35
CA GLU A 564 23.65 -16.97 14.57
C GLU A 564 22.27 -16.71 15.16
N VAL A 565 22.22 -15.83 16.17
CA VAL A 565 20.98 -15.43 16.82
C VAL A 565 19.96 -14.98 15.80
N PHE A 566 20.43 -14.08 14.93
CA PHE A 566 19.59 -13.44 13.94
C PHE A 566 19.16 -14.42 12.86
N LYS A 567 20.09 -15.25 12.43
CA LYS A 567 19.79 -16.14 11.33
C LYS A 567 18.88 -17.24 11.86
N ASN A 568 19.00 -17.52 13.16
CA ASN A 568 18.15 -18.49 13.83
C ASN A 568 16.74 -18.00 13.96
N TYR A 569 16.62 -16.73 14.28
CA TYR A 569 15.31 -16.13 14.43
C TYR A 569 14.58 -16.11 13.07
N SER A 570 15.34 -15.92 12.00
CA SER A 570 14.74 -16.00 10.70
C SER A 570 14.26 -17.41 10.26
N PHE A 571 15.09 -18.46 10.46
CA PHE A 571 14.67 -19.90 10.29
C PHE A 571 13.28 -20.00 10.91
N ASP A 572 13.22 -19.60 12.17
CA ASP A 572 12.06 -19.80 13.04
C ASP A 572 10.84 -19.02 12.58
N ILE A 573 10.91 -17.70 12.70
CA ILE A 573 9.76 -16.80 12.54
C ILE A 573 9.02 -16.81 11.19
N ASN A 574 9.74 -16.95 10.09
CA ASN A 574 9.08 -17.19 8.80
C ASN A 574 9.04 -18.68 8.34
N LEU A 575 9.27 -19.66 9.25
CA LEU A 575 9.13 -21.14 8.97
C LEU A 575 7.71 -21.53 8.57
N THR A 576 7.52 -21.96 7.33
CA THR A 576 6.19 -22.20 6.78
C THR A 576 6.18 -23.42 5.85
N GLN A 577 5.01 -23.73 5.27
CA GLN A 577 4.81 -24.88 4.38
C GLN A 577 3.54 -24.68 3.55
N GLU A 578 3.62 -24.93 2.25
CA GLU A 578 2.44 -24.79 1.38
C GLU A 578 1.64 -26.09 1.27
N ILE A 579 0.31 -25.97 1.26
CA ILE A 579 -0.57 -27.16 1.25
C ILE A 579 -1.79 -27.08 0.32
N ASP A 580 -2.49 -28.22 0.22
CA ASP A 580 -3.69 -28.37 -0.60
C ASP A 580 -4.99 -28.35 0.17
N SER A 581 -5.75 -27.29 -0.02
CA SER A 581 -7.14 -27.27 0.34
C SER A 581 -7.88 -27.24 -0.99
N SER A 582 -9.20 -27.30 -0.96
CA SER A 582 -9.98 -27.13 -2.18
C SER A 582 -9.85 -25.67 -2.61
N CYS A 583 -9.55 -24.81 -1.64
CA CYS A 583 -9.62 -23.35 -1.76
C CYS A 583 -8.34 -22.71 -2.30
N GLY A 584 -7.41 -23.58 -2.67
CA GLY A 584 -6.17 -23.20 -3.33
C GLY A 584 -4.98 -23.92 -2.75
N ILE A 585 -3.80 -23.45 -3.11
CA ILE A 585 -2.64 -23.67 -2.29
C ILE A 585 -2.62 -22.53 -1.30
N ASN A 586 -2.18 -22.87 -0.09
CA ASN A 586 -2.23 -21.98 1.05
C ASN A 586 -0.89 -22.04 1.77
N GLU A 587 -0.22 -20.90 1.87
CA GLU A 587 1.09 -20.87 2.54
C GLU A 587 0.88 -20.78 4.05
N VAL A 588 0.95 -21.94 4.70
CA VAL A 588 0.58 -22.11 6.11
C VAL A 588 1.69 -21.75 7.06
N VAL A 589 1.37 -21.00 8.12
CA VAL A 589 2.38 -20.70 9.14
C VAL A 589 2.58 -21.88 10.10
N ILE A 590 3.78 -22.43 10.07
CA ILE A 590 4.11 -23.68 10.74
C ILE A 590 4.01 -23.53 12.25
N TRP A 591 4.39 -22.36 12.76
CA TRP A 591 4.31 -22.08 14.19
C TRP A 591 2.94 -21.66 14.68
N PHE A 592 2.03 -21.38 13.75
CA PHE A 592 0.71 -20.84 14.10
C PHE A 592 0.04 -21.55 15.25
N GLY A 593 0.00 -22.86 15.16
CA GLY A 593 -0.56 -23.68 16.21
C GLY A 593 0.04 -23.35 17.55
N LYS A 594 1.38 -23.42 17.63
CA LYS A 594 2.08 -23.26 18.91
C LYS A 594 1.96 -21.87 19.56
N ALA A 595 1.59 -20.86 18.77
CA ALA A 595 1.55 -19.46 19.23
C ALA A 595 0.23 -19.04 19.88
N LEU A 596 -0.88 -19.40 19.24
CA LEU A 596 -2.20 -19.05 19.74
C LEU A 596 -2.92 -20.29 20.25
N ASN A 597 -2.20 -21.42 20.24
CA ASN A 597 -2.74 -22.69 20.73
C ASN A 597 -4.01 -23.13 19.98
N ILE A 598 -3.96 -23.07 18.66
CA ILE A 598 -5.09 -23.56 17.89
C ILE A 598 -4.64 -24.81 17.17
N LEU A 599 -5.41 -25.88 17.30
CA LEU A 599 -5.05 -27.21 16.75
C LEU A 599 -3.61 -27.51 17.15
N ASN A 600 -3.28 -27.09 18.37
CA ASN A 600 -2.00 -27.37 18.90
C ASN A 600 -2.10 -28.65 19.68
N THR A 601 -3.36 -29.07 19.88
CA THR A 601 -3.76 -30.33 20.55
C THR A 601 -3.22 -31.61 19.89
N SER A 602 -2.77 -31.48 18.65
CA SER A 602 -2.07 -32.55 17.96
C SER A 602 -0.67 -32.72 18.53
N ASN A 603 0.13 -33.47 17.81
CA ASN A 603 1.56 -33.48 18.00
C ASN A 603 2.19 -32.51 16.97
N SER A 604 1.41 -32.12 15.95
CA SER A 604 1.89 -31.24 14.84
C SER A 604 0.80 -30.32 14.27
N PHE A 605 1.08 -29.02 14.16
CA PHE A 605 0.06 -28.11 13.64
C PHE A 605 -0.29 -28.35 12.17
N VAL A 606 0.72 -28.39 11.31
CA VAL A 606 0.46 -28.20 9.88
C VAL A 606 -0.44 -29.30 9.32
N GLU A 607 -0.14 -30.54 9.71
CA GLU A 607 -0.85 -31.71 9.23
C GLU A 607 -2.30 -31.65 9.69
N GLU A 608 -2.50 -31.02 10.84
CA GLU A 608 -3.82 -30.95 11.40
C GLU A 608 -4.72 -29.87 10.79
N TYR A 609 -4.14 -28.80 10.21
CA TYR A 609 -4.95 -27.85 9.37
C TYR A 609 -5.40 -28.57 8.09
N GLN A 610 -4.51 -29.39 7.53
CA GLN A 610 -4.81 -30.33 6.47
C GLN A 610 -6.06 -31.14 6.82
N ASN A 611 -6.00 -31.74 8.01
CA ASN A 611 -7.07 -32.55 8.61
C ASN A 611 -8.44 -31.88 8.71
N SER A 612 -8.50 -30.77 9.45
CA SER A 612 -9.79 -30.22 9.92
C SER A 612 -10.49 -29.21 8.99
N GLY A 613 -9.71 -28.57 8.11
CA GLY A 613 -10.25 -27.58 7.15
C GLY A 613 -9.99 -26.18 7.67
N PRO A 614 -10.12 -25.17 6.79
CA PRO A 614 -9.93 -23.81 7.29
C PRO A 614 -10.92 -23.52 8.40
N ILE A 615 -12.14 -24.01 8.19
CA ILE A 615 -13.25 -23.87 9.12
C ILE A 615 -12.90 -24.27 10.57
N SER A 616 -12.02 -25.25 10.69
CA SER A 616 -11.60 -25.80 11.97
C SER A 616 -10.97 -24.82 12.95
N LEU A 617 -10.51 -23.67 12.44
CA LEU A 617 -9.68 -22.73 13.22
C LEU A 617 -10.45 -21.74 14.13
N ILE A 618 -11.74 -21.57 13.88
CA ILE A 618 -12.50 -20.54 14.54
C ILE A 618 -13.45 -21.11 15.60
N SER A 619 -14.06 -20.25 16.42
CA SER A 619 -14.85 -20.72 17.58
C SER A 619 -16.36 -20.80 17.37
N LYS A 620 -16.91 -19.92 16.53
CA LYS A 620 -18.33 -19.94 16.22
C LYS A 620 -18.50 -20.21 14.74
N LYS A 621 -19.06 -21.35 14.38
CA LYS A 621 -19.14 -21.67 12.96
C LYS A 621 -20.54 -21.60 12.32
N ASP A 622 -21.59 -21.49 13.13
CA ASP A 622 -22.96 -21.43 12.59
C ASP A 622 -23.59 -20.09 12.91
N ASN A 623 -23.38 -19.09 12.07
CA ASN A 623 -23.88 -17.77 12.44
C ASN A 623 -24.84 -17.23 11.42
N LEU A 624 -24.93 -17.95 10.31
CA LEU A 624 -25.70 -17.49 9.17
C LEU A 624 -27.20 -17.50 9.42
N SER A 625 -27.90 -16.55 8.80
CA SER A 625 -29.27 -16.21 9.18
C SER A 625 -30.13 -15.88 7.95
N GLU A 626 -31.13 -16.70 7.64
CA GLU A 626 -31.95 -16.52 6.42
C GLU A 626 -32.24 -15.02 6.17
N PRO A 627 -32.06 -14.54 4.92
CA PRO A 627 -32.50 -13.18 4.61
C PRO A 627 -34.01 -13.00 4.49
N ASN A 628 -34.45 -11.77 4.75
CA ASN A 628 -35.81 -11.33 4.43
C ASN A 628 -35.88 -10.87 2.96
N ILE A 629 -36.70 -11.57 2.18
CA ILE A 629 -36.78 -11.38 0.72
C ILE A 629 -38.15 -10.79 0.31
N GLU A 630 -38.45 -10.72 -1.00
CA GLU A 630 -39.60 -9.92 -1.53
C GLU A 630 -40.84 -10.64 -2.13
N ILE A 631 -42.01 -10.22 -1.65
CA ILE A 631 -43.36 -10.79 -1.92
C ILE A 631 -43.77 -11.16 -3.36
N ASP A 632 -44.95 -11.77 -3.44
CA ASP A 632 -45.36 -12.71 -4.49
C ASP A 632 -46.45 -12.22 -5.47
N ASP A 633 -46.11 -11.29 -6.36
CA ASP A 633 -47.00 -10.92 -7.47
C ASP A 633 -46.27 -10.38 -8.70
N ILE A 634 -46.56 -11.00 -9.84
CA ILE A 634 -46.23 -10.49 -11.18
C ILE A 634 -47.47 -9.68 -11.62
N PRO A 635 -47.27 -8.59 -12.37
CA PRO A 635 -48.36 -7.64 -12.67
C PRO A 635 -49.72 -8.27 -13.02
N ASP A 636 -50.78 -7.60 -12.58
CA ASP A 636 -52.15 -8.01 -12.85
C ASP A 636 -52.66 -7.63 -14.24
N SER A 637 -52.09 -6.58 -14.82
CA SER A 637 -52.47 -6.08 -16.14
C SER A 637 -51.65 -6.75 -17.26
N LEU A 638 -50.79 -7.69 -16.87
CA LEU A 638 -50.12 -8.57 -17.82
C LEU A 638 -51.01 -9.79 -18.13
N LEU A 639 -51.93 -10.11 -17.21
CA LEU A 639 -52.88 -11.23 -17.35
C LEU A 639 -53.63 -11.22 -18.70
N GLY A 640 -53.88 -10.01 -19.24
CA GLY A 640 -54.65 -9.84 -20.47
C GLY A 640 -53.96 -9.24 -21.69
N LEU A 641 -52.62 -9.30 -21.72
CA LEU A 641 -51.84 -8.91 -22.91
C LEU A 641 -51.55 -10.14 -23.79
N SER A 642 -51.16 -9.91 -25.06
CA SER A 642 -50.87 -10.96 -26.06
C SER A 642 -49.35 -11.27 -26.22
N PHE A 643 -49.00 -12.34 -26.96
CA PHE A 643 -47.63 -12.90 -26.97
C PHE A 643 -46.42 -11.92 -27.01
N LYS A 644 -46.14 -11.28 -28.16
CA LYS A 644 -44.94 -10.40 -28.28
C LYS A 644 -44.85 -9.25 -27.24
N ASP A 645 -45.99 -8.80 -26.72
CA ASP A 645 -46.03 -7.78 -25.64
C ASP A 645 -45.70 -8.37 -24.27
N LEU A 646 -46.30 -9.53 -23.98
CA LEU A 646 -46.08 -10.28 -22.72
C LEU A 646 -44.66 -10.87 -22.67
N ASN A 647 -44.15 -11.33 -23.82
CA ASN A 647 -42.77 -11.81 -23.98
C ASN A 647 -41.74 -10.86 -23.36
N ASN A 648 -41.69 -9.64 -23.91
CA ASN A 648 -40.74 -8.59 -23.55
C ASN A 648 -40.99 -7.92 -22.18
N LYS A 649 -42.20 -8.07 -21.64
CA LYS A 649 -42.47 -7.66 -20.25
C LYS A 649 -42.40 -8.79 -19.19
N LEU A 650 -42.30 -10.04 -19.63
CA LEU A 650 -41.78 -11.12 -18.78
C LEU A 650 -40.25 -11.05 -18.70
N TYR A 651 -39.62 -10.49 -19.74
CA TYR A 651 -38.21 -10.18 -19.66
C TYR A 651 -37.91 -9.06 -18.67
N GLU A 652 -38.86 -8.14 -18.48
CA GLU A 652 -38.77 -7.12 -17.42
C GLU A 652 -38.78 -7.77 -16.02
N ILE A 653 -39.67 -8.76 -15.80
CA ILE A 653 -39.64 -9.56 -14.57
C ILE A 653 -38.28 -10.26 -14.44
N TYR A 654 -37.84 -10.92 -15.51
CA TYR A 654 -36.56 -11.65 -15.51
C TYR A 654 -35.37 -10.73 -15.18
N SER A 655 -35.36 -9.54 -15.76
CA SER A 655 -34.33 -8.53 -15.49
C SER A 655 -34.18 -8.27 -14.01
N LYS A 656 -35.23 -7.71 -13.41
CA LYS A 656 -35.23 -7.33 -12.01
C LYS A 656 -34.85 -8.49 -11.11
N ASN A 657 -35.29 -9.68 -11.50
CA ASN A 657 -34.98 -10.91 -10.76
C ASN A 657 -33.49 -11.24 -10.74
N ARG A 658 -32.88 -11.41 -11.92
CA ARG A 658 -31.43 -11.69 -11.99
C ARG A 658 -30.56 -10.61 -11.29
N VAL A 659 -30.99 -9.35 -11.37
CA VAL A 659 -30.38 -8.26 -10.59
C VAL A 659 -30.58 -8.46 -9.08
N TYR A 660 -31.77 -8.89 -8.67
CA TYR A 660 -32.14 -9.06 -7.25
C TYR A 660 -31.48 -10.28 -6.59
N PHE A 661 -31.16 -11.28 -7.39
CA PHE A 661 -30.37 -12.42 -6.92
C PHE A 661 -29.00 -11.96 -6.44
N ARG A 662 -28.39 -11.02 -7.17
CA ARG A 662 -27.10 -10.43 -6.84
C ARG A 662 -27.18 -9.82 -5.43
N LYS A 663 -28.34 -9.20 -5.15
CA LYS A 663 -28.67 -8.52 -3.88
C LYS A 663 -28.67 -9.44 -2.66
N ILE A 664 -29.41 -10.53 -2.77
CA ILE A 664 -29.34 -11.63 -1.82
C ILE A 664 -27.90 -12.06 -1.60
N TYR A 665 -27.19 -12.30 -2.70
CA TYR A 665 -25.81 -12.78 -2.65
C TYR A 665 -25.00 -11.87 -1.73
N PHE A 666 -25.07 -10.58 -2.01
CA PHE A 666 -24.37 -9.57 -1.23
C PHE A 666 -24.58 -9.63 0.28
N ASN A 667 -25.85 -9.71 0.69
CA ASN A 667 -26.24 -9.94 2.08
C ASN A 667 -25.44 -11.09 2.70
N PHE A 668 -25.25 -12.16 1.94
CA PHE A 668 -24.57 -13.37 2.41
C PHE A 668 -23.11 -13.09 2.67
N LEU A 669 -22.51 -12.40 1.71
CA LEU A 669 -21.10 -12.02 1.75
C LEU A 669 -20.77 -11.23 2.99
N ASP A 670 -21.68 -10.29 3.27
CA ASP A 670 -21.59 -9.36 4.37
C ASP A 670 -21.53 -10.17 5.66
N GLN A 671 -22.37 -11.20 5.74
CA GLN A 671 -22.42 -12.07 6.92
C GLN A 671 -21.16 -12.89 7.09
N TRP A 672 -20.61 -13.34 5.95
CA TRP A 672 -19.36 -14.06 5.94
C TRP A 672 -18.34 -13.24 6.68
N TRP A 673 -18.19 -12.00 6.22
CA TRP A 673 -17.28 -10.97 6.74
C TRP A 673 -17.52 -10.63 8.17
N THR A 674 -18.73 -10.10 8.38
CA THR A 674 -19.26 -9.76 9.68
C THR A 674 -19.07 -10.92 10.67
N GLU A 675 -19.55 -12.11 10.32
CA GLU A 675 -19.62 -13.17 11.30
C GLU A 675 -18.42 -14.10 11.30
N TYR A 676 -17.77 -14.27 10.15
CA TYR A 676 -16.66 -15.22 9.99
C TYR A 676 -15.31 -14.57 9.80
N TYR A 677 -15.16 -13.69 8.80
CA TYR A 677 -13.85 -13.11 8.57
C TYR A 677 -13.38 -12.44 9.83
N SER A 678 -14.29 -11.73 10.45
CA SER A 678 -14.06 -11.05 11.71
C SER A 678 -13.37 -11.96 12.72
N GLN A 679 -13.70 -13.24 12.68
CA GLN A 679 -13.05 -14.19 13.57
C GLN A 679 -11.67 -14.55 13.02
N TYR A 680 -11.56 -14.62 11.70
CA TYR A 680 -10.27 -14.91 11.14
C TYR A 680 -9.33 -13.77 11.44
N PHE A 681 -9.85 -12.56 11.38
CA PHE A 681 -9.09 -11.42 11.82
C PHE A 681 -8.71 -11.50 13.29
N GLU A 682 -9.61 -12.08 14.13
CA GLU A 682 -9.39 -12.31 15.59
C GLU A 682 -8.00 -12.91 15.81
N LEU A 683 -7.77 -13.99 15.07
CA LEU A 683 -6.50 -14.70 15.04
C LEU A 683 -5.43 -13.82 14.42
N ILE A 684 -5.78 -13.13 13.34
CA ILE A 684 -4.77 -12.41 12.62
C ILE A 684 -3.99 -11.58 13.62
N CYS A 685 -4.69 -10.77 14.40
CA CYS A 685 -4.05 -9.72 15.24
C CYS A 685 -3.29 -10.34 16.34
N MET A 686 -3.83 -11.45 16.81
CA MET A 686 -3.19 -12.28 17.80
C MET A 686 -1.87 -12.83 17.24
N ALA A 687 -1.97 -13.50 16.08
CA ALA A 687 -0.80 -14.10 15.45
C ALA A 687 0.22 -13.02 15.22
N LYS A 688 -0.27 -11.84 14.81
CA LYS A 688 0.57 -10.69 14.50
C LYS A 688 1.28 -10.21 15.76
N GLN A 689 0.51 -10.02 16.83
CA GLN A 689 1.04 -9.60 18.14
C GLN A 689 2.06 -10.60 18.62
N SER A 690 1.80 -11.88 18.30
CA SER A 690 2.63 -12.99 18.72
C SER A 690 4.05 -12.89 18.16
N ILE A 691 4.15 -12.67 16.83
CA ILE A 691 5.47 -12.58 16.17
C ILE A 691 6.22 -11.39 16.79
N LEU A 692 5.48 -10.32 17.08
CA LEU A 692 6.09 -9.11 17.63
C LEU A 692 6.59 -9.37 19.03
N ALA A 693 5.80 -10.11 19.81
CA ALA A 693 6.21 -10.50 21.16
C ALA A 693 7.54 -11.25 21.09
N GLN A 694 7.57 -12.18 20.13
CA GLN A 694 8.68 -13.08 19.90
C GLN A 694 9.95 -12.30 19.59
N GLU A 695 9.85 -11.42 18.59
CA GLU A 695 10.88 -10.43 18.26
C GLU A 695 11.48 -9.80 19.52
N SER A 696 10.58 -9.42 20.44
CA SER A 696 10.95 -8.64 21.61
C SER A 696 11.72 -9.43 22.64
N VAL A 697 11.35 -10.72 22.80
CA VAL A 697 12.19 -11.63 23.58
C VAL A 697 13.62 -11.44 23.09
N VAL A 698 13.80 -11.69 21.79
CA VAL A 698 15.10 -11.73 21.15
C VAL A 698 15.84 -10.43 21.44
N LYS A 699 15.21 -9.31 21.14
CA LYS A 699 15.87 -8.03 21.24
C LYS A 699 16.41 -7.84 22.62
N GLN A 700 15.62 -8.23 23.63
CA GLN A 700 16.07 -8.09 25.02
C GLN A 700 17.22 -9.07 25.27
N ILE A 701 17.14 -10.25 24.66
CA ILE A 701 18.21 -11.24 24.77
C ILE A 701 19.50 -10.62 24.25
N ILE A 702 19.38 -10.02 23.05
CA ILE A 702 20.46 -9.32 22.39
C ILE A 702 20.93 -8.14 23.25
N GLN A 703 20.01 -7.33 23.78
CA GLN A 703 20.40 -6.11 24.52
C GLN A 703 21.24 -6.52 25.71
N ASN A 704 20.86 -7.63 26.31
CA ASN A 704 21.51 -8.18 27.49
C ASN A 704 22.84 -8.86 27.18
N LYS A 705 22.99 -9.30 25.94
CA LYS A 705 24.32 -9.66 25.50
C LYS A 705 25.27 -8.44 25.28
N PHE A 706 24.82 -7.32 24.72
CA PHE A 706 25.70 -6.14 24.66
C PHE A 706 25.89 -5.55 26.05
N THR A 707 24.87 -5.66 26.88
CA THR A 707 24.98 -5.26 28.28
C THR A 707 26.05 -6.08 28.99
N ASP A 708 26.34 -7.25 28.42
CA ASP A 708 27.49 -8.06 28.83
C ASP A 708 28.82 -7.48 28.29
N LEU A 709 28.77 -7.00 27.01
CA LEU A 709 29.93 -6.55 26.21
C LEU A 709 30.67 -5.47 26.86
N SER A 710 31.41 -6.02 27.74
CA SER A 710 31.38 -5.35 28.88
C SER A 710 29.98 -5.25 29.44
N LYS A 711 30.21 -5.21 30.73
CA LYS A 711 31.70 -5.02 31.14
C LYS A 711 32.88 -5.77 30.39
N ALA A 712 33.99 -5.09 30.01
CA ALA A 712 34.89 -5.67 28.98
C ALA A 712 36.32 -5.19 28.84
N SER A 713 37.04 -5.98 28.02
CA SER A 713 38.36 -5.66 27.46
C SER A 713 38.25 -4.63 26.35
N ILE A 714 37.11 -4.61 25.66
CA ILE A 714 36.95 -3.84 24.41
C ILE A 714 37.01 -2.32 24.59
N PRO A 715 37.81 -1.65 23.73
CA PRO A 715 38.10 -0.23 23.55
C PRO A 715 36.83 0.57 23.47
N PRO A 716 36.83 1.77 24.07
CA PRO A 716 35.72 2.71 24.05
C PRO A 716 35.05 2.90 22.67
N ASP A 717 35.79 3.42 21.68
CA ASP A 717 35.24 3.69 20.35
C ASP A 717 34.92 2.42 19.53
N THR A 718 35.57 1.30 19.87
CA THR A 718 35.25 0.01 19.25
C THR A 718 33.81 -0.36 19.51
N LEU A 719 33.41 -0.25 20.77
CA LEU A 719 32.03 -0.42 21.17
C LEU A 719 31.02 0.49 20.46
N LYS A 720 31.37 1.77 20.21
CA LYS A 720 30.45 2.67 19.45
C LYS A 720 29.93 1.97 18.21
N LEU A 721 30.84 1.28 17.51
CA LEU A 721 30.49 0.45 16.37
C LEU A 721 29.64 -0.77 16.71
N ILE A 722 30.08 -1.61 17.66
CA ILE A 722 29.31 -2.83 18.03
C ILE A 722 27.88 -2.44 18.23
N LYS A 723 27.72 -1.24 18.79
CA LYS A 723 26.45 -0.69 19.15
C LYS A 723 25.67 -0.20 17.95
N GLU A 724 26.25 0.70 17.15
CA GLU A 724 25.58 1.16 15.94
C GLU A 724 25.09 -0.08 15.19
N THR A 725 25.98 -1.08 15.05
CA THR A 725 25.74 -2.36 14.36
C THR A 725 24.51 -3.08 14.90
N THR A 726 24.43 -3.22 16.22
CA THR A 726 23.32 -3.91 16.82
C THR A 726 22.03 -3.14 16.60
N GLU A 727 22.07 -1.80 16.70
CA GLU A 727 20.91 -0.98 16.31
C GLU A 727 20.52 -1.34 14.86
N LYS A 728 21.52 -1.42 13.98
CA LYS A 728 21.28 -1.93 12.63
C LYS A 728 20.76 -3.37 12.65
N THR A 729 21.26 -4.23 13.52
CA THR A 729 20.74 -5.60 13.60
C THR A 729 19.34 -5.70 14.19
N PHE A 730 19.06 -4.87 15.21
CA PHE A 730 17.74 -4.80 15.91
C PHE A 730 16.66 -4.46 14.85
N ILE A 731 17.06 -3.54 13.96
CA ILE A 731 16.28 -3.07 12.84
C ILE A 731 16.05 -4.19 11.81
N ASP A 732 17.14 -4.88 11.45
CA ASP A 732 17.11 -6.05 10.55
C ASP A 732 16.13 -7.14 10.97
N LEU A 733 16.03 -7.37 12.27
CA LEU A 733 15.06 -8.30 12.84
C LEU A 733 13.67 -7.86 12.47
N SER A 734 13.40 -6.57 12.64
CA SER A 734 12.07 -6.01 12.37
C SER A 734 11.67 -6.21 10.92
N ASN A 735 12.60 -5.97 10.00
CA ASN A 735 12.39 -6.24 8.58
C ASN A 735 11.90 -7.67 8.38
N GLU A 736 12.58 -8.57 9.09
CA GLU A 736 12.35 -10.00 9.08
C GLU A 736 10.98 -10.34 9.62
N SER A 737 10.60 -9.64 10.68
CA SER A 737 9.34 -9.86 11.38
C SER A 737 8.13 -9.48 10.54
N GLN A 738 8.30 -8.51 9.65
CA GLN A 738 7.20 -8.07 8.82
C GLN A 738 6.82 -9.22 7.94
N ILE A 739 7.85 -9.80 7.34
CA ILE A 739 7.73 -10.98 6.52
C ILE A 739 6.89 -12.07 7.20
N SER A 740 7.16 -12.37 8.48
CA SER A 740 6.35 -13.36 9.20
C SER A 740 4.88 -12.95 9.27
N MET A 741 4.62 -11.65 9.40
CA MET A 741 3.23 -11.13 9.56
C MET A 741 2.46 -11.20 8.25
N ASN A 742 3.21 -11.24 7.18
CA ASN A 742 2.59 -11.36 5.90
C ASN A 742 2.25 -12.79 5.64
N ARG A 743 3.12 -13.73 6.01
CA ARG A 743 2.80 -15.15 5.81
C ARG A 743 1.47 -15.39 6.54
N VAL A 744 1.36 -14.84 7.76
CA VAL A 744 0.17 -15.10 8.59
C VAL A 744 -1.00 -14.41 7.94
N ASP A 745 -0.74 -13.32 7.25
CA ASP A 745 -1.84 -12.70 6.56
C ASP A 745 -2.36 -13.50 5.34
N ASN A 746 -1.49 -13.98 4.43
CA ASN A 746 -1.92 -14.78 3.25
C ASN A 746 -2.71 -15.92 3.82
N PHE A 747 -2.06 -16.59 4.77
CA PHE A 747 -2.57 -17.82 5.33
C PHE A 747 -3.98 -17.65 5.86
N LEU A 748 -4.17 -16.67 6.73
CA LEU A 748 -5.44 -16.55 7.44
C LEU A 748 -6.52 -15.95 6.57
N ASN A 749 -6.12 -15.02 5.70
CA ASN A 749 -7.06 -14.41 4.75
C ASN A 749 -7.60 -15.43 3.74
N LYS A 750 -6.67 -16.27 3.26
CA LYS A 750 -6.99 -17.40 2.38
C LYS A 750 -8.06 -18.24 3.04
N ALA A 751 -7.71 -18.78 4.20
CA ALA A 751 -8.58 -19.62 5.03
C ALA A 751 -9.96 -18.98 5.19
N SER A 752 -9.97 -17.66 5.42
CA SER A 752 -11.18 -16.84 5.48
C SER A 752 -12.07 -17.02 4.24
N ILE A 753 -11.47 -16.94 3.04
CA ILE A 753 -12.23 -17.19 1.79
C ILE A 753 -12.51 -18.68 1.55
N CYS A 754 -11.58 -19.54 1.97
CA CYS A 754 -11.72 -21.00 1.92
C CYS A 754 -13.10 -21.38 2.47
N VAL A 755 -13.44 -20.69 3.56
CA VAL A 755 -14.66 -20.88 4.31
C VAL A 755 -15.87 -20.26 3.60
N PHE A 756 -15.65 -19.22 2.79
CA PHE A 756 -16.76 -18.69 2.00
C PHE A 756 -17.17 -19.64 0.89
N VAL A 757 -16.18 -20.22 0.21
CA VAL A 757 -16.40 -21.15 -0.89
C VAL A 757 -17.00 -22.46 -0.37
N GLU A 758 -16.26 -23.11 0.53
CA GLU A 758 -16.68 -24.39 1.07
C GLU A 758 -17.87 -24.33 2.06
N ASP A 759 -18.05 -23.22 2.78
CA ASP A 759 -18.99 -23.24 3.92
C ASP A 759 -20.23 -22.35 3.83
N ILE A 760 -20.05 -21.09 3.40
CA ILE A 760 -21.16 -20.14 3.28
C ILE A 760 -21.90 -20.33 1.96
N TYR A 761 -21.11 -20.44 0.89
CA TYR A 761 -21.62 -20.53 -0.49
C TYR A 761 -22.63 -21.65 -0.78
N PRO A 762 -22.33 -22.90 -0.33
CA PRO A 762 -23.25 -24.04 -0.54
C PRO A 762 -24.61 -23.77 0.09
N LYS A 763 -24.57 -23.04 1.18
CA LYS A 763 -25.76 -22.61 1.88
C LYS A 763 -26.52 -21.59 1.02
N PHE A 764 -25.79 -20.75 0.30
CA PHE A 764 -26.42 -19.81 -0.61
C PHE A 764 -27.20 -20.58 -1.69
N ILE A 765 -26.58 -21.64 -2.17
CA ILE A 765 -27.15 -22.52 -3.19
C ILE A 765 -28.48 -23.13 -2.72
N SER A 766 -28.49 -23.75 -1.54
CA SER A 766 -29.73 -24.28 -0.94
C SER A 766 -30.85 -23.24 -0.93
N TYR A 767 -30.57 -22.08 -0.31
CA TYR A 767 -31.56 -21.01 -0.19
C TYR A 767 -32.02 -20.58 -1.57
N MET A 768 -31.10 -20.49 -2.51
CA MET A 768 -31.46 -19.90 -3.77
C MET A 768 -32.38 -20.74 -4.66
N GLU A 769 -32.22 -22.07 -4.62
CA GLU A 769 -33.13 -22.90 -5.40
C GLU A 769 -34.47 -23.05 -4.69
N LYS A 770 -34.46 -22.88 -3.37
CA LYS A 770 -35.71 -22.76 -2.65
C LYS A 770 -36.48 -21.57 -3.24
N TYR A 771 -35.84 -20.39 -3.32
CA TYR A 771 -36.49 -19.19 -3.89
C TYR A 771 -36.92 -19.45 -5.35
N ILE A 772 -36.01 -19.95 -6.21
CA ILE A 772 -36.35 -20.13 -7.65
C ILE A 772 -37.35 -21.24 -7.97
N ASN A 773 -37.28 -22.37 -7.27
CA ASN A 773 -38.26 -23.44 -7.47
C ASN A 773 -39.62 -22.93 -7.12
N ASN A 774 -39.63 -22.05 -6.14
CA ASN A 774 -40.85 -21.48 -5.62
C ASN A 774 -41.37 -20.38 -6.53
N ILE A 775 -40.46 -19.54 -7.00
CA ILE A 775 -40.75 -18.60 -8.07
C ILE A 775 -41.37 -19.33 -9.26
N ASN A 776 -40.78 -20.46 -9.63
CA ASN A 776 -41.21 -21.20 -10.83
C ASN A 776 -42.59 -21.82 -10.72
N ILE A 777 -42.96 -22.26 -9.52
CA ILE A 777 -44.35 -22.62 -9.24
C ILE A 777 -45.20 -21.41 -9.61
N LYS A 778 -44.94 -20.28 -8.97
CA LYS A 778 -45.79 -19.12 -9.16
C LYS A 778 -45.75 -18.47 -10.57
N THR A 779 -44.66 -18.66 -11.30
CA THR A 779 -44.54 -18.13 -12.69
C THR A 779 -45.29 -19.01 -13.71
N ARG A 780 -45.32 -20.33 -13.44
CA ARG A 780 -46.12 -21.32 -14.17
C ARG A 780 -47.60 -20.92 -14.07
N GLU A 781 -48.00 -20.65 -12.82
CA GLU A 781 -49.38 -20.39 -12.49
C GLU A 781 -49.88 -19.02 -12.95
N PHE A 782 -48.98 -18.06 -13.06
CA PHE A 782 -49.33 -16.79 -13.71
C PHE A 782 -49.65 -16.93 -15.21
N ILE A 783 -48.78 -17.62 -15.97
CA ILE A 783 -48.89 -17.74 -17.44
C ILE A 783 -50.18 -18.44 -17.86
N GLN A 784 -50.68 -19.28 -16.99
CA GLN A 784 -51.89 -20.00 -17.27
C GLN A 784 -53.14 -19.24 -16.81
N ARG A 785 -52.95 -18.28 -15.90
CA ARG A 785 -53.98 -17.28 -15.58
C ARG A 785 -54.23 -16.34 -16.76
N CYS A 786 -53.29 -16.30 -17.71
CA CYS A 786 -53.36 -15.43 -18.88
C CYS A 786 -54.54 -15.77 -19.77
N THR A 787 -55.48 -14.85 -19.91
CA THR A 787 -56.60 -15.05 -20.82
C THR A 787 -56.17 -14.82 -22.27
N ASN A 788 -55.40 -13.76 -22.51
CA ASN A 788 -55.17 -13.31 -23.89
C ASN A 788 -54.04 -13.96 -24.68
N ILE A 789 -53.32 -14.91 -24.08
CA ILE A 789 -52.33 -15.63 -24.87
C ILE A 789 -52.74 -17.02 -25.32
N ASN A 790 -52.32 -17.32 -26.54
CA ASN A 790 -52.64 -18.56 -27.24
C ASN A 790 -52.01 -19.81 -26.60
N ASP A 791 -52.21 -20.96 -27.23
CA ASP A 791 -51.61 -22.20 -26.76
C ASP A 791 -50.11 -22.22 -27.01
N ASN A 792 -49.66 -21.56 -28.09
CA ASN A 792 -48.22 -21.45 -28.39
C ASN A 792 -47.50 -20.34 -27.64
N GLU A 793 -48.26 -19.38 -27.14
CA GLU A 793 -47.73 -18.44 -26.16
C GLU A 793 -47.58 -19.16 -24.81
N LYS A 794 -48.58 -19.96 -24.41
CA LYS A 794 -48.51 -20.78 -23.20
C LYS A 794 -47.33 -21.76 -23.23
N SER A 795 -47.17 -22.45 -24.35
CA SER A 795 -46.05 -23.36 -24.61
C SER A 795 -44.68 -22.68 -24.47
N ILE A 796 -44.42 -21.61 -25.22
CA ILE A 796 -43.08 -21.01 -25.20
C ILE A 796 -42.78 -19.96 -24.11
N LEU A 797 -43.81 -19.37 -23.50
CA LEU A 797 -43.51 -18.44 -22.38
C LEU A 797 -43.19 -19.15 -21.07
N ILE A 798 -43.95 -20.20 -20.74
CA ILE A 798 -43.58 -21.19 -19.70
C ILE A 798 -42.08 -21.51 -19.77
N ASN A 799 -41.64 -21.97 -20.95
CA ASN A 799 -40.24 -22.32 -21.16
C ASN A 799 -39.26 -21.15 -21.17
N SER A 800 -39.64 -20.06 -21.83
CA SER A 800 -38.78 -18.89 -22.00
C SER A 800 -38.34 -18.22 -20.69
N TYR A 801 -39.27 -18.06 -19.75
CA TYR A 801 -38.97 -17.24 -18.56
C TYR A 801 -39.03 -18.00 -17.20
N THR A 802 -38.37 -19.17 -17.14
CA THR A 802 -38.16 -19.92 -15.88
C THR A 802 -36.71 -19.83 -15.37
N PHE A 803 -36.49 -20.19 -14.10
CA PHE A 803 -35.19 -19.99 -13.40
C PHE A 803 -34.54 -21.28 -12.90
N LYS A 804 -33.31 -21.56 -13.29
CA LYS A 804 -32.58 -22.77 -12.81
C LYS A 804 -31.22 -22.47 -12.16
N THR A 805 -30.65 -23.49 -11.53
CA THR A 805 -29.42 -23.40 -10.71
C THR A 805 -28.26 -22.50 -11.19
N ILE A 806 -28.01 -22.42 -12.50
CA ILE A 806 -26.89 -21.58 -13.00
C ILE A 806 -27.22 -20.07 -13.02
N ASP A 807 -28.50 -19.75 -12.78
CA ASP A 807 -28.96 -18.36 -12.68
C ASP A 807 -28.36 -17.57 -11.50
N PHE A 808 -27.89 -18.29 -10.47
CA PHE A 808 -27.35 -17.63 -9.27
C PHE A 808 -25.91 -18.04 -8.86
N LYS A 809 -25.27 -18.89 -9.67
CA LYS A 809 -23.84 -19.16 -9.54
C LYS A 809 -23.01 -17.88 -9.78
N PHE A 810 -22.85 -17.06 -8.72
CA PHE A 810 -22.06 -15.78 -8.75
C PHE A 810 -20.64 -15.84 -8.18
N LEU A 811 -20.27 -16.96 -7.57
CA LEU A 811 -18.97 -17.09 -6.90
C LEU A 811 -17.77 -16.69 -7.78
N ASN A 812 -17.23 -15.50 -7.52
CA ASN A 812 -16.00 -15.07 -8.15
C ASN A 812 -14.92 -14.93 -7.11
N ILE A 813 -14.10 -15.97 -6.99
CA ILE A 813 -13.11 -16.10 -5.91
C ILE A 813 -11.99 -15.07 -6.04
N GLN A 814 -11.68 -14.70 -7.28
CA GLN A 814 -10.72 -13.66 -7.55
C GLN A 814 -11.17 -12.28 -7.06
N ALA A 815 -12.45 -11.93 -7.27
CA ALA A 815 -12.94 -10.63 -6.79
C ALA A 815 -13.20 -10.63 -5.28
N ILE A 816 -13.44 -11.82 -4.72
CA ILE A 816 -13.41 -12.05 -3.27
C ILE A 816 -12.02 -11.78 -2.72
N LYS A 817 -11.01 -12.30 -3.43
CA LYS A 817 -9.59 -12.07 -3.13
C LYS A 817 -9.21 -10.60 -3.37
N ASN A 818 -9.84 -9.99 -4.38
CA ASN A 818 -9.65 -8.56 -4.68
C ASN A 818 -10.19 -7.60 -3.59
N PHE A 819 -11.17 -8.06 -2.79
CA PHE A 819 -11.72 -7.31 -1.64
C PHE A 819 -10.60 -6.82 -0.74
N PHE A 820 -9.62 -7.71 -0.56
CA PHE A 820 -8.55 -7.58 0.42
C PHE A 820 -7.43 -6.59 0.08
N ASN A 821 -7.07 -6.50 -1.20
CA ASN A 821 -6.13 -5.45 -1.63
C ASN A 821 -6.93 -4.14 -1.59
N SER A 822 -7.04 -3.59 -0.37
CA SER A 822 -7.63 -2.29 -0.11
C SER A 822 -6.63 -1.22 -0.50
N GLN A 823 -7.03 0.03 -0.48
CA GLN A 823 -6.07 1.08 -0.79
C GLN A 823 -4.86 0.98 0.14
N VAL A 824 -5.12 0.78 1.43
CA VAL A 824 -4.02 0.71 2.39
C VAL A 824 -3.07 -0.47 2.07
N GLU A 825 -3.61 -1.69 1.97
CA GLU A 825 -2.76 -2.86 1.69
C GLU A 825 -1.98 -2.65 0.37
N GLN A 826 -2.46 -1.73 -0.48
CA GLN A 826 -1.68 -1.31 -1.65
C GLN A 826 -0.62 -0.30 -1.19
N VAL A 827 -1.02 0.70 -0.38
CA VAL A 827 -0.08 1.74 0.08
C VAL A 827 1.02 1.07 0.87
N MET A 828 0.65 0.01 1.59
CA MET A 828 1.64 -0.80 2.29
C MET A 828 2.64 -1.47 1.34
N LYS A 829 2.13 -2.10 0.27
CA LYS A 829 2.99 -2.76 -0.73
C LYS A 829 4.23 -1.91 -0.89
N GLU A 830 3.99 -0.66 -1.26
CA GLU A 830 5.00 0.30 -1.66
C GLU A 830 5.94 0.70 -0.56
N MET A 831 5.45 1.08 0.62
CA MET A 831 6.40 1.58 1.65
C MET A 831 7.42 0.50 2.08
N LEU A 832 7.05 -0.77 1.91
CA LEU A 832 7.88 -1.90 2.37
C LEU A 832 8.69 -2.58 1.26
N SER A 833 8.54 -2.08 0.02
CA SER A 833 9.16 -2.68 -1.16
C SER A 833 10.68 -2.74 -1.11
N PRO A 834 11.26 -3.80 -1.71
CA PRO A 834 12.69 -4.15 -1.64
C PRO A 834 13.64 -3.10 -2.24
N TYR A 835 13.10 -2.11 -2.93
CA TYR A 835 13.92 -1.05 -3.48
C TYR A 835 14.19 0.03 -2.46
N GLN A 836 15.47 0.30 -2.26
CA GLN A 836 15.90 1.36 -1.40
C GLN A 836 16.32 2.48 -2.30
N LEU A 837 16.28 2.20 -3.60
CA LEU A 837 16.67 3.14 -4.63
C LEU A 837 16.35 2.58 -5.99
N LEU A 838 15.76 3.42 -6.82
CA LEU A 838 15.67 3.13 -8.23
C LEU A 838 15.81 4.47 -8.89
N LEU A 839 16.85 4.62 -9.69
CA LEU A 839 17.31 5.91 -10.15
C LEU A 839 16.68 6.41 -11.46
N PHE A 840 15.67 7.27 -11.38
CA PHE A 840 15.06 7.96 -12.55
C PHE A 840 15.78 9.28 -12.87
N ALA A 841 15.70 9.69 -14.14
CA ALA A 841 16.24 10.98 -14.54
C ALA A 841 15.55 11.39 -15.81
N THR A 842 15.14 12.64 -15.87
CA THR A 842 14.54 13.15 -17.10
C THR A 842 15.13 14.52 -17.45
N ARG A 843 15.29 14.75 -18.75
CA ARG A 843 15.69 16.05 -19.25
C ARG A 843 14.41 16.88 -19.14
N GLY A 844 14.22 17.53 -17.98
CA GLY A 844 12.99 18.28 -17.65
C GLY A 844 12.93 19.66 -18.29
N PRO A 845 11.89 20.46 -17.98
CA PRO A 845 11.65 21.74 -18.68
C PRO A 845 12.89 22.65 -18.69
N ASN A 846 13.67 22.58 -19.77
CA ASN A 846 14.97 23.25 -19.90
C ASN A 846 15.97 22.93 -18.77
N SER A 847 15.83 21.76 -18.16
CA SER A 847 16.44 21.43 -16.86
C SER A 847 16.70 19.91 -16.65
N ASN A 848 17.52 19.58 -15.65
CA ASN A 848 17.90 18.17 -15.40
C ASN A 848 17.50 17.53 -14.07
N ILE A 849 16.44 16.73 -14.11
CA ILE A 849 15.96 16.05 -12.91
C ILE A 849 16.54 14.60 -12.71
N ILE A 850 17.40 14.47 -11.69
CA ILE A 850 17.93 13.17 -11.24
C ILE A 850 17.36 12.77 -9.87
N GLU A 851 16.26 11.99 -9.85
CA GLU A 851 15.55 11.66 -8.61
C GLU A 851 15.61 10.17 -8.22
N ASP A 852 14.83 9.80 -7.18
CA ASP A 852 14.75 8.39 -6.69
C ASP A 852 13.28 7.86 -6.57
N ILE A 853 12.91 6.96 -7.48
CA ILE A 853 11.53 6.51 -7.62
C ILE A 853 11.16 5.53 -6.51
N SER A 854 12.16 5.08 -5.74
CA SER A 854 11.97 4.08 -4.64
C SER A 854 11.13 4.62 -3.51
N GLY A 855 11.18 5.94 -3.38
CA GLY A 855 10.37 6.65 -2.42
C GLY A 855 10.98 6.68 -1.05
N LYS A 856 12.27 6.36 -0.95
CA LYS A 856 12.96 6.50 0.33
C LYS A 856 13.73 7.82 0.45
N ASN A 857 14.54 7.84 1.50
CA ASN A 857 15.53 8.89 1.83
C ASN A 857 16.40 9.28 0.61
N THR A 858 16.71 8.27 -0.23
CA THR A 858 17.94 8.32 -1.03
C THR A 858 18.24 9.69 -1.65
N LEU A 859 19.22 10.36 -1.03
CA LEU A 859 19.74 11.65 -1.48
C LEU A 859 20.75 11.49 -2.59
N ILE A 860 20.60 12.34 -3.59
CA ILE A 860 21.44 12.34 -4.75
C ILE A 860 22.13 13.70 -4.71
N GLN A 861 23.44 13.69 -4.45
CA GLN A 861 24.27 14.90 -4.35
C GLN A 861 25.31 14.84 -5.46
N TYR A 862 25.36 15.84 -6.33
CA TYR A 862 26.24 15.72 -7.49
C TYR A 862 26.73 17.02 -8.11
N THR A 863 27.77 16.90 -8.94
CA THR A 863 28.27 17.97 -9.82
C THR A 863 27.13 18.49 -10.71
N GLU A 864 26.95 19.80 -10.80
CA GLU A 864 25.88 20.34 -11.66
C GLU A 864 26.19 20.02 -13.13
N SER A 865 27.43 19.62 -13.37
CA SER A 865 27.97 19.34 -14.71
C SER A 865 27.60 17.98 -15.31
N VAL A 866 26.97 17.11 -14.53
CA VAL A 866 26.56 15.78 -14.98
C VAL A 866 25.36 15.86 -15.95
N GLU A 867 25.56 15.34 -17.17
CA GLU A 867 24.54 15.40 -18.22
C GLU A 867 23.84 14.06 -18.39
N LEU A 868 22.66 14.09 -18.99
CA LEU A 868 21.87 12.87 -19.21
C LEU A 868 21.78 12.49 -20.70
N VAL A 869 22.15 11.24 -20.99
CA VAL A 869 22.22 10.73 -22.34
C VAL A 869 21.33 9.52 -22.42
N TYR A 870 20.61 9.35 -23.51
CA TYR A 870 19.86 8.11 -23.62
C TYR A 870 20.79 6.93 -23.48
N GLY A 871 20.41 6.00 -22.60
CA GLY A 871 21.18 4.78 -22.30
C GLY A 871 20.57 3.51 -22.86
N VAL A 872 20.23 2.58 -21.98
CA VAL A 872 19.57 1.34 -22.41
C VAL A 872 18.07 1.54 -22.76
N ASN A 873 17.29 2.06 -21.82
CA ASN A 873 15.84 2.25 -22.00
C ASN A 873 15.25 3.63 -21.62
N GLY A 874 15.96 4.39 -20.78
CA GLY A 874 15.61 5.78 -20.45
C GLY A 874 16.87 6.64 -20.54
N GLU A 875 16.96 7.69 -19.72
CA GLU A 875 18.18 8.52 -19.67
C GLU A 875 19.30 7.94 -18.74
N SER A 876 20.46 7.64 -19.33
CA SER A 876 21.64 7.19 -18.57
C SER A 876 22.50 8.34 -18.05
N LEU A 877 22.93 8.23 -16.79
CA LEU A 877 23.92 9.13 -16.23
C LEU A 877 25.18 9.16 -17.05
N TYR A 878 25.52 10.34 -17.57
CA TYR A 878 26.79 10.51 -18.23
C TYR A 878 27.76 11.25 -17.31
N LEU A 879 28.83 10.59 -16.94
CA LEU A 879 29.93 11.27 -16.29
C LEU A 879 31.07 11.40 -17.31
N LYS A 880 31.46 12.65 -17.60
CA LYS A 880 32.57 12.94 -18.54
C LYS A 880 33.90 12.33 -18.08
N SER A 881 33.90 11.85 -16.84
CA SER A 881 35.04 11.13 -16.31
C SER A 881 36.03 12.04 -15.64
N PRO A 882 35.71 13.33 -15.45
CA PRO A 882 36.82 14.06 -14.83
C PRO A 882 36.93 13.90 -13.31
N ASN A 883 36.77 14.93 -12.49
CA ASN A 883 36.66 14.60 -11.08
C ASN A 883 35.26 14.07 -10.82
N GLU A 884 34.34 14.46 -11.72
CA GLU A 884 32.87 14.26 -11.71
C GLU A 884 32.38 13.06 -10.93
N THR A 885 31.81 13.35 -9.78
CA THR A 885 31.41 12.33 -8.82
C THR A 885 29.97 12.56 -8.40
N VAL A 886 29.23 11.48 -8.18
CA VAL A 886 27.87 11.55 -7.65
C VAL A 886 27.80 10.64 -6.44
N GLU A 887 27.19 11.17 -5.37
CA GLU A 887 27.07 10.48 -4.09
C GLU A 887 25.60 10.21 -3.73
N PHE A 888 25.30 8.94 -3.57
CA PHE A 888 24.00 8.52 -3.09
C PHE A 888 24.04 8.35 -1.60
N SER A 889 22.93 8.73 -0.98
CA SER A 889 22.88 8.87 0.44
C SER A 889 21.58 8.20 0.87
N ASN A 890 21.69 7.21 1.77
CA ASN A 890 20.55 6.53 2.38
C ASN A 890 20.98 5.79 3.65
N ASN A 891 20.16 5.87 4.70
CA ASN A 891 20.47 5.29 6.02
C ASN A 891 20.77 3.78 5.95
N PHE A 892 20.16 3.11 4.95
CA PHE A 892 20.32 1.68 4.70
C PHE A 892 21.71 1.35 4.23
N PHE A 893 22.29 2.23 3.42
CA PHE A 893 23.56 1.98 2.72
C PHE A 893 24.77 1.78 3.65
N THR A 894 24.64 2.11 4.93
CA THR A 894 25.66 1.75 5.93
C THR A 894 25.84 0.24 6.13
N ASN A 895 24.88 -0.52 5.59
CA ASN A 895 24.83 -1.98 5.64
C ASN A 895 24.88 -2.50 7.09
N GLY A 896 25.87 -3.32 7.44
CA GLY A 896 26.04 -3.79 8.82
C GLY A 896 26.43 -5.26 8.93
N LEU A 897 25.93 -5.93 9.97
CA LEU A 897 26.19 -7.36 10.08
C LEU A 897 25.21 -8.19 9.26
N THR A 898 23.91 -8.01 9.49
CA THR A 898 22.94 -9.02 9.05
C THR A 898 21.98 -8.63 7.93
N ASN A 899 22.18 -7.44 7.36
CA ASN A 899 21.32 -6.99 6.29
C ASN A 899 21.67 -7.75 5.02
N ASN A 900 20.66 -8.30 4.35
CA ASN A 900 20.81 -8.79 2.97
C ASN A 900 20.56 -7.59 2.01
N PHE A 901 21.18 -7.61 0.82
CA PHE A 901 21.04 -6.51 -0.20
C PHE A 901 21.61 -6.80 -1.62
N THR A 902 20.95 -6.23 -2.63
CA THR A 902 21.37 -6.36 -4.03
C THR A 902 21.63 -5.02 -4.68
N ILE A 903 22.75 -4.89 -5.38
CA ILE A 903 23.04 -3.73 -6.23
C ILE A 903 22.94 -4.10 -7.72
N CYS A 904 21.96 -3.55 -8.42
CA CYS A 904 21.94 -3.67 -9.88
C CYS A 904 22.04 -2.32 -10.55
N PHE A 905 22.57 -2.32 -11.77
CA PHE A 905 22.78 -1.10 -12.56
C PHE A 905 23.26 -1.48 -13.95
N TRP A 906 23.00 -0.61 -14.91
CA TRP A 906 23.60 -0.74 -16.22
C TRP A 906 24.88 0.05 -16.25
N LEU A 907 25.81 -0.33 -17.12
CA LEU A 907 27.13 0.33 -17.25
C LEU A 907 27.73 0.20 -18.64
N ARG A 908 28.11 1.34 -19.23
CA ARG A 908 28.97 1.33 -20.42
C ARG A 908 30.29 2.10 -20.24
N PHE A 909 31.34 1.49 -20.72
CA PHE A 909 32.59 1.83 -20.16
C PHE A 909 33.62 2.15 -21.22
N THR A 910 33.96 3.43 -21.42
CA THR A 910 35.11 3.82 -22.29
C THR A 910 36.44 3.81 -21.52
N GLY A 911 36.52 2.82 -20.62
CA GLY A 911 37.60 2.62 -19.65
C GLY A 911 38.92 2.23 -20.24
N LYS A 912 40.00 2.51 -19.51
CA LYS A 912 41.34 2.34 -20.08
C LYS A 912 42.22 1.40 -19.23
N ASP A 913 43.23 1.93 -18.54
CA ASP A 913 44.42 1.17 -18.02
C ASP A 913 44.25 -0.12 -17.15
N ASP A 914 45.39 -0.79 -16.96
CA ASP A 914 45.53 -2.07 -16.23
C ASP A 914 45.51 -1.97 -14.68
N ASP A 915 45.63 -0.75 -14.15
CA ASP A 915 45.75 -0.51 -12.70
C ASP A 915 44.41 -0.21 -12.02
N LYS A 916 44.31 -0.54 -10.73
CA LYS A 916 43.03 -0.54 -9.98
C LYS A 916 42.44 0.86 -9.70
N THR A 917 41.19 1.05 -10.11
CA THR A 917 40.46 2.32 -9.95
C THR A 917 39.07 2.21 -9.32
N ARG A 918 38.87 2.91 -8.19
CA ARG A 918 37.58 2.87 -7.46
C ARG A 918 36.46 3.38 -8.42
N LEU A 919 35.29 2.71 -8.41
CA LEU A 919 34.14 3.13 -9.25
C LEU A 919 32.82 3.38 -8.53
N ILE A 920 32.23 2.35 -7.91
CA ILE A 920 31.04 2.57 -7.07
C ILE A 920 31.18 1.82 -5.77
N GLY A 921 30.82 2.45 -4.68
CA GLY A 921 31.12 1.85 -3.42
C GLY A 921 30.99 2.71 -2.21
N ASN A 922 30.91 2.01 -1.10
CA ASN A 922 30.65 2.54 0.19
C ASN A 922 31.76 1.89 0.94
N LYS A 923 32.98 2.22 0.55
CA LYS A 923 34.12 1.71 1.27
C LYS A 923 34.67 2.84 2.13
N VAL A 924 34.23 2.83 3.38
CA VAL A 924 34.55 3.88 4.30
C VAL A 924 35.78 3.41 5.06
N ASN A 925 36.92 4.01 4.72
CA ASN A 925 38.11 3.82 5.52
C ASN A 925 38.37 2.34 5.76
N ASN A 926 38.29 1.57 4.69
CA ASN A 926 38.63 0.14 4.69
C ASN A 926 37.55 -0.80 5.24
N CYS A 927 36.28 -0.50 5.00
CA CYS A 927 35.18 -1.41 5.37
C CYS A 927 34.15 -1.29 4.27
N GLY A 928 33.30 -2.30 4.13
CA GLY A 928 32.23 -2.26 3.14
C GLY A 928 32.64 -2.81 1.79
N TRP A 929 32.14 -2.20 0.74
CA TRP A 929 32.32 -2.81 -0.54
C TRP A 929 32.60 -1.78 -1.58
N GLU A 930 33.32 -2.18 -2.64
CA GLU A 930 33.57 -1.37 -3.84
C GLU A 930 33.62 -2.25 -5.08
N ILE A 931 33.10 -1.71 -6.18
CA ILE A 931 33.38 -2.22 -7.51
C ILE A 931 34.54 -1.41 -8.11
N TYR A 932 35.66 -2.06 -8.42
CA TYR A 932 36.77 -1.37 -9.07
C TYR A 932 36.79 -1.68 -10.57
N PHE A 933 37.61 -0.91 -11.30
CA PHE A 933 38.05 -1.25 -12.64
C PHE A 933 39.43 -1.88 -12.49
N GLU A 934 39.67 -2.97 -13.20
CA GLU A 934 40.98 -3.64 -13.16
C GLU A 934 41.20 -4.65 -14.28
N ASP A 935 42.42 -4.69 -14.77
CA ASP A 935 42.77 -5.57 -15.87
C ASP A 935 41.72 -5.41 -17.00
N ASN A 936 41.09 -6.47 -17.49
CA ASN A 936 40.12 -6.25 -18.57
C ASN A 936 38.63 -6.24 -18.13
N GLY A 937 38.38 -6.40 -16.83
CA GLY A 937 37.01 -6.37 -16.28
C GLY A 937 36.81 -5.49 -15.04
N LEU A 938 35.88 -5.88 -14.16
CA LEU A 938 35.65 -5.21 -12.87
C LEU A 938 36.01 -6.10 -11.70
N VAL A 939 36.15 -5.50 -10.53
CA VAL A 939 36.38 -6.29 -9.34
C VAL A 939 35.44 -5.92 -8.21
N PHE A 940 34.68 -6.89 -7.74
CA PHE A 940 33.90 -6.72 -6.53
C PHE A 940 34.68 -7.09 -5.25
N GLU A 941 35.01 -6.07 -4.47
CA GLU A 941 35.78 -6.23 -3.24
C GLU A 941 34.78 -6.02 -2.11
N ILE A 942 34.78 -6.91 -1.13
CA ILE A 942 33.84 -6.84 -0.02
C ILE A 942 34.59 -7.16 1.28
N ILE A 943 34.51 -6.28 2.29
CA ILE A 943 35.38 -6.41 3.50
C ILE A 943 34.73 -6.01 4.83
N ASP A 944 35.03 -6.75 5.91
CA ASP A 944 34.52 -6.43 7.26
C ASP A 944 35.52 -5.70 8.16
N SER A 945 35.04 -5.29 9.35
CA SER A 945 35.82 -4.55 10.38
C SER A 945 37.04 -5.29 10.92
N ASN A 946 37.15 -6.56 10.53
CA ASN A 946 38.20 -7.47 10.94
C ASN A 946 39.20 -7.78 9.84
N GLY A 947 38.90 -7.35 8.62
CA GLY A 947 39.86 -7.44 7.51
C GLY A 947 39.69 -8.64 6.59
N ASN A 948 38.62 -9.41 6.79
CA ASN A 948 38.31 -10.57 5.97
C ASN A 948 37.70 -10.13 4.67
N GLN A 949 38.00 -10.86 3.61
CA GLN A 949 37.67 -10.38 2.28
C GLN A 949 37.38 -11.50 1.29
N GLU A 950 36.37 -11.27 0.46
CA GLU A 950 36.33 -11.88 -0.87
C GLU A 950 36.24 -10.77 -1.93
N SER A 951 37.30 -10.69 -2.73
CA SER A 951 37.39 -9.84 -3.90
C SER A 951 37.03 -10.82 -5.03
N VAL A 952 36.33 -10.34 -6.06
CA VAL A 952 35.87 -11.23 -7.13
C VAL A 952 36.07 -10.58 -8.50
N TYR A 953 36.97 -11.14 -9.30
CA TYR A 953 37.28 -10.59 -10.62
C TYR A 953 36.24 -10.97 -11.69
N LEU A 954 35.59 -9.99 -12.31
CA LEU A 954 34.64 -10.28 -13.41
C LEU A 954 35.30 -9.96 -14.74
N SER A 955 35.56 -10.98 -15.55
CA SER A 955 36.19 -10.75 -16.85
C SER A 955 35.26 -10.12 -17.91
N ASN A 956 35.83 -9.46 -18.92
CA ASN A 956 35.04 -9.01 -20.06
C ASN A 956 34.15 -7.81 -19.92
N VAL A 957 34.60 -6.78 -19.22
CA VAL A 957 33.67 -5.68 -19.04
C VAL A 957 34.05 -4.33 -19.68
N ILE A 958 35.34 -4.15 -20.01
CA ILE A 958 35.91 -2.80 -20.30
C ILE A 958 35.92 -2.30 -21.77
N ASN A 959 34.92 -2.74 -22.53
CA ASN A 959 34.94 -2.63 -23.98
C ASN A 959 34.04 -1.54 -24.52
N ASN A 960 33.33 -0.88 -23.61
CA ASN A 960 32.06 -0.23 -23.94
C ASN A 960 31.15 -1.05 -24.90
N ASN A 961 30.72 -2.20 -24.38
CA ASN A 961 29.40 -2.77 -24.65
C ASN A 961 28.64 -2.65 -23.32
N TRP A 962 27.32 -2.40 -23.39
CA TRP A 962 26.50 -2.35 -22.19
C TRP A 962 26.42 -3.68 -21.51
N TYR A 963 26.61 -3.62 -20.21
CA TYR A 963 26.61 -4.79 -19.35
C TYR A 963 25.67 -4.45 -18.15
N TYR A 964 24.70 -5.33 -17.84
CA TYR A 964 23.79 -5.20 -16.69
C TYR A 964 24.36 -5.95 -15.47
N ILE A 965 25.13 -5.24 -14.66
CA ILE A 965 25.72 -5.83 -13.47
C ILE A 965 24.70 -5.92 -12.34
N SER A 966 24.58 -7.10 -11.72
CA SER A 966 23.80 -7.30 -10.50
C SER A 966 24.71 -7.99 -9.45
N ILE A 967 24.94 -7.33 -8.31
CA ILE A 967 25.57 -8.02 -7.19
C ILE A 967 24.53 -8.28 -6.08
N SER A 968 24.41 -9.54 -5.68
CA SER A 968 23.45 -9.93 -4.63
C SER A 968 24.20 -10.53 -3.44
N VAL A 969 24.19 -9.82 -2.32
CA VAL A 969 24.88 -10.28 -1.12
C VAL A 969 23.88 -10.82 -0.13
N ASP A 970 23.88 -12.15 0.07
CA ASP A 970 22.99 -12.75 1.05
C ASP A 970 23.72 -13.07 2.35
N ARG A 971 23.35 -12.39 3.42
CA ARG A 971 24.02 -12.57 4.72
C ARG A 971 23.37 -13.70 5.50
N LEU A 972 22.14 -14.01 5.10
CA LEU A 972 21.39 -15.14 5.63
C LEU A 972 22.01 -16.43 5.22
N LYS A 973 22.28 -16.58 3.94
CA LYS A 973 22.88 -17.81 3.45
C LYS A 973 24.42 -17.78 3.34
N ASP A 974 25.04 -16.66 3.72
CA ASP A 974 26.51 -16.42 3.62
C ASP A 974 27.07 -16.60 2.17
N GLN A 975 26.41 -15.99 1.20
CA GLN A 975 26.57 -16.36 -0.21
C GLN A 975 26.48 -15.20 -1.21
N LEU A 976 27.61 -14.98 -1.90
CA LEU A 976 27.79 -13.89 -2.88
C LEU A 976 27.62 -14.26 -4.35
N LEU A 977 26.55 -13.75 -4.94
CA LEU A 977 26.16 -14.01 -6.32
C LEU A 977 26.48 -12.78 -7.16
N ILE A 978 27.04 -12.98 -8.35
CA ILE A 978 27.23 -11.86 -9.24
C ILE A 978 26.74 -12.19 -10.63
N PHE A 979 25.92 -11.33 -11.20
CA PHE A 979 25.30 -11.61 -12.49
C PHE A 979 25.68 -10.56 -13.50
N ILE A 980 26.29 -10.97 -14.58
CA ILE A 980 26.60 -9.99 -15.60
C ILE A 980 25.66 -10.29 -16.73
N ASN A 981 24.96 -9.25 -17.20
CA ASN A 981 23.83 -9.43 -18.09
C ASN A 981 23.01 -10.61 -17.54
N ASP A 982 22.52 -11.48 -18.43
CA ASP A 982 21.59 -12.56 -18.04
C ASP A 982 22.24 -13.89 -17.56
N LYS A 983 23.57 -13.94 -17.49
CA LYS A 983 24.25 -15.11 -16.95
C LYS A 983 24.79 -14.80 -15.53
N ASN A 984 24.56 -15.73 -14.60
CA ASN A 984 25.25 -15.69 -13.29
C ASN A 984 26.74 -16.01 -13.40
N VAL A 985 27.59 -15.07 -13.06
CA VAL A 985 29.01 -15.30 -13.33
C VAL A 985 29.75 -15.92 -12.15
N ALA A 986 29.22 -15.68 -10.95
CA ALA A 986 29.87 -16.12 -9.72
C ALA A 986 28.87 -16.44 -8.60
N ASN A 987 29.19 -17.45 -7.80
CA ASN A 987 28.72 -17.48 -6.45
C ASN A 987 29.93 -17.80 -5.57
N VAL A 988 30.04 -17.11 -4.43
CA VAL A 988 31.20 -17.26 -3.55
C VAL A 988 30.80 -17.26 -2.10
N SER A 989 31.49 -18.08 -1.32
CA SER A 989 31.23 -18.08 0.11
C SER A 989 31.85 -16.91 0.86
N ILE A 990 30.99 -16.18 1.57
CA ILE A 990 31.40 -15.06 2.40
C ILE A 990 31.26 -15.45 3.90
N GLU A 991 31.32 -16.75 4.19
CA GLU A 991 31.06 -17.25 5.54
C GLU A 991 32.16 -16.82 6.49
N GLN A 992 33.27 -16.33 5.93
CA GLN A 992 34.32 -15.75 6.78
C GLN A 992 34.17 -14.21 6.97
N ILE A 993 33.12 -13.62 6.40
CA ILE A 993 32.88 -12.16 6.46
C ILE A 993 31.92 -11.72 7.59
N LEU A 994 32.38 -10.77 8.42
CA LEU A 994 31.66 -10.25 9.60
C LEU A 994 30.96 -8.88 9.47
N ASN A 995 31.55 -7.83 10.02
CA ASN A 995 30.84 -6.56 10.07
C ASN A 995 31.25 -5.60 8.96
N ILE A 996 30.40 -5.45 7.95
CA ILE A 996 30.73 -4.58 6.80
C ILE A 996 30.21 -3.13 6.92
N TYR A 997 30.01 -2.71 8.17
CA TYR A 997 29.45 -1.39 8.48
C TYR A 997 30.31 -0.24 7.94
N SER A 998 29.71 0.62 7.13
CA SER A 998 30.38 1.80 6.55
C SER A 998 29.58 3.13 6.73
N THR A 999 29.76 4.08 5.81
CA THR A 999 28.96 5.31 5.75
C THR A 999 27.53 5.08 5.18
N ASN A 1000 26.69 6.10 5.29
CA ASN A 1000 25.34 6.10 4.72
C ASN A 1000 25.34 6.56 3.25
N VAL A 1001 26.52 6.45 2.63
CA VAL A 1001 26.77 6.97 1.27
C VAL A 1001 27.47 6.00 0.32
N ILE A 1002 26.77 5.69 -0.77
CA ILE A 1002 27.29 4.87 -1.85
C ILE A 1002 27.67 5.82 -2.99
N SER A 1003 28.99 5.88 -3.28
CA SER A 1003 29.58 6.92 -4.15
C SER A 1003 30.01 6.38 -5.50
N LEU A 1004 29.56 7.05 -6.57
CA LEU A 1004 29.90 6.66 -7.94
C LEU A 1004 30.95 7.60 -8.55
N VAL A 1005 32.22 7.15 -8.65
CA VAL A 1005 33.37 8.06 -8.88
C VAL A 1005 33.77 8.41 -10.33
N ASN A 1006 34.05 7.44 -11.19
CA ASN A 1006 34.32 7.73 -12.63
C ASN A 1006 35.39 8.81 -13.01
N LYS A 1007 36.58 8.69 -12.42
CA LYS A 1007 37.78 9.46 -12.81
C LYS A 1007 38.40 8.92 -14.12
N ASN A 1008 38.91 9.80 -14.99
CA ASN A 1008 39.60 9.47 -16.29
C ASN A 1008 38.73 8.93 -17.40
N ASN A 1009 37.84 8.04 -17.02
CA ASN A 1009 37.09 7.22 -17.93
C ASN A 1009 35.65 7.65 -17.85
N SER A 1010 35.19 8.43 -18.82
CA SER A 1010 33.76 8.59 -19.01
C SER A 1010 33.06 7.22 -18.83
N ILE A 1011 32.06 7.21 -17.97
CA ILE A 1011 31.23 6.03 -17.76
C ILE A 1011 29.75 6.37 -17.97
N TYR A 1012 29.02 5.47 -18.63
CA TYR A 1012 27.58 5.59 -18.74
C TYR A 1012 26.92 4.69 -17.69
N VAL A 1013 26.04 5.24 -16.87
CA VAL A 1013 25.39 4.50 -15.79
C VAL A 1013 23.88 4.74 -15.91
N GLU A 1014 23.09 3.67 -15.86
CA GLU A 1014 21.64 3.80 -15.91
C GLU A 1014 20.89 2.80 -15.02
N GLU A 1015 19.69 3.21 -14.59
CA GLU A 1015 18.73 2.37 -13.85
C GLU A 1015 19.36 1.74 -12.61
N LEU A 1016 20.17 2.55 -11.90
CA LEU A 1016 20.87 2.11 -10.68
C LEU A 1016 19.90 1.84 -9.54
N SER A 1017 20.00 0.63 -8.97
CA SER A 1017 19.09 0.14 -7.91
C SER A 1017 19.80 -0.51 -6.74
N VAL A 1018 19.16 -0.38 -5.59
CA VAL A 1018 19.59 -1.07 -4.40
C VAL A 1018 18.39 -1.76 -3.78
N LEU A 1019 18.52 -3.07 -3.59
CA LEU A 1019 17.46 -3.89 -3.00
C LEU A 1019 17.91 -4.29 -1.62
N ASP A 1020 16.94 -4.60 -0.76
CA ASP A 1020 17.22 -5.08 0.58
C ASP A 1020 16.97 -6.59 0.63
N LYS A 1021 16.62 -7.17 -0.52
CA LYS A 1021 16.59 -8.63 -0.69
C LYS A 1021 17.76 -9.14 -1.54
N PRO A 1022 18.26 -10.33 -1.23
CA PRO A 1022 19.18 -11.03 -2.14
C PRO A 1022 18.39 -11.60 -3.31
N VAL A 1023 19.09 -11.92 -4.40
CA VAL A 1023 18.45 -12.15 -5.69
C VAL A 1023 18.66 -13.53 -6.33
N ALA A 1024 17.63 -13.98 -7.04
CA ALA A 1024 17.66 -15.24 -7.80
C ALA A 1024 17.76 -14.99 -9.30
N SER A 1025 18.35 -15.94 -10.01
CA SER A 1025 18.60 -15.75 -11.43
C SER A 1025 17.33 -15.47 -12.18
N GLU A 1026 16.17 -15.88 -11.66
CA GLU A 1026 14.91 -15.68 -12.38
C GLU A 1026 14.66 -14.19 -12.59
N GLU A 1027 14.81 -13.43 -11.50
CA GLU A 1027 14.57 -12.00 -11.49
C GLU A 1027 15.66 -11.33 -12.31
N VAL A 1028 16.86 -11.87 -12.23
CA VAL A 1028 17.92 -11.38 -13.10
C VAL A 1028 17.41 -11.44 -14.55
N ILE A 1029 17.03 -12.63 -15.04
CA ILE A 1029 16.46 -12.77 -16.38
C ILE A 1029 15.23 -11.90 -16.58
N ARG A 1030 14.28 -11.92 -15.65
CA ARG A 1030 13.11 -11.00 -15.74
C ARG A 1030 13.52 -9.50 -15.90
N ASN A 1031 14.37 -9.00 -14.99
CA ASN A 1031 14.85 -7.60 -14.97
C ASN A 1031 15.70 -7.17 -16.15
N TYR A 1032 16.45 -8.14 -16.67
CA TYR A 1032 17.30 -7.95 -17.83
C TYR A 1032 16.40 -7.66 -19.02
N PHE A 1033 15.43 -8.52 -19.25
CA PHE A 1033 14.58 -8.34 -20.42
C PHE A 1033 13.45 -7.33 -20.30
N SER A 1034 13.09 -6.98 -19.06
CA SER A 1034 12.21 -5.81 -18.82
C SER A 1034 12.80 -4.51 -19.40
N TYR A 1035 13.85 -3.94 -18.76
CA TYR A 1035 14.48 -2.72 -19.28
C TYR A 1035 14.73 -2.93 -20.80
N LEU A 1036 15.13 -4.15 -21.19
CA LEU A 1036 15.68 -4.45 -22.55
C LEU A 1036 14.80 -4.58 -23.78
N ASP A 1037 13.53 -4.92 -23.64
CA ASP A 1037 12.67 -4.91 -24.80
C ASP A 1037 11.81 -3.64 -24.81
N ASN A 1038 12.04 -2.79 -25.82
CA ASN A 1038 11.26 -1.56 -25.96
C ASN A 1038 10.66 -1.36 -27.35
N SER A 1039 10.83 -2.36 -28.22
CA SER A 1039 10.38 -2.32 -29.63
C SER A 1039 11.47 -1.76 -30.55
N TYR A 1040 12.51 -1.20 -29.95
CA TYR A 1040 13.68 -0.71 -30.66
C TYR A 1040 14.69 -1.84 -30.84
N ILE A 1041 15.58 -1.66 -31.81
CA ILE A 1041 16.57 -2.67 -32.17
C ILE A 1041 17.94 -2.17 -31.70
N ARG A 1042 18.92 -3.07 -31.58
CA ARG A 1042 20.24 -2.69 -31.01
C ARG A 1042 21.48 -3.10 -31.81
N ASP A 1043 22.60 -2.52 -31.42
CA ASP A 1043 23.88 -2.99 -31.91
C ASP A 1043 24.47 -4.00 -30.96
N SER A 1044 25.57 -4.63 -31.34
CA SER A 1044 26.23 -5.63 -30.50
C SER A 1044 26.94 -5.06 -29.26
N SER A 1045 26.84 -3.74 -29.07
CA SER A 1045 27.24 -3.12 -27.80
C SER A 1045 26.02 -2.85 -26.92
N LYS A 1046 24.92 -3.56 -27.21
CA LYS A 1046 23.57 -3.36 -26.61
C LYS A 1046 23.07 -1.88 -26.68
N SER A 1047 23.74 -1.02 -27.47
CA SER A 1047 23.34 0.40 -27.66
C SER A 1047 22.23 0.50 -28.72
N LEU A 1048 21.48 1.59 -28.71
CA LEU A 1048 20.36 1.77 -29.64
C LEU A 1048 20.75 1.75 -31.13
N LEU A 1049 19.93 1.09 -31.96
CA LEU A 1049 20.14 1.09 -33.43
C LEU A 1049 19.39 2.21 -34.14
N GLU A 1050 20.16 3.06 -34.80
CA GLU A 1050 19.61 4.16 -35.57
C GLU A 1050 19.77 3.83 -37.05
N TYR A 1051 18.94 4.45 -37.89
CA TYR A 1051 19.07 4.34 -39.34
C TYR A 1051 20.39 4.97 -39.80
N ASN A 1052 20.86 4.62 -41.00
CA ASN A 1052 21.92 5.38 -41.65
C ASN A 1052 23.25 5.37 -40.90
N LYS A 1053 23.63 4.23 -40.34
CA LYS A 1053 24.93 4.14 -39.70
C LYS A 1053 25.70 3.00 -40.32
N ASN A 1054 27.00 3.21 -40.55
CA ASN A 1054 27.87 2.15 -41.08
C ASN A 1054 28.25 1.11 -40.01
N TYR A 1055 27.49 0.01 -39.99
CA TYR A 1055 27.73 -1.15 -39.11
C TYR A 1055 28.38 -2.24 -39.96
N GLN A 1056 29.17 -3.12 -39.35
CA GLN A 1056 29.56 -4.37 -40.01
C GLN A 1056 28.54 -5.45 -39.67
N LEU A 1057 28.24 -6.33 -40.63
CA LEU A 1057 27.36 -7.47 -40.34
C LEU A 1057 28.21 -8.73 -40.14
N TYR A 1058 27.77 -9.57 -39.20
CA TYR A 1058 28.32 -10.90 -38.98
C TYR A 1058 27.12 -11.84 -38.80
N ASN A 1059 27.32 -13.14 -38.95
CA ASN A 1059 26.26 -14.08 -38.57
C ASN A 1059 26.48 -14.67 -37.18
N TYR A 1060 25.37 -14.98 -36.51
CA TYR A 1060 25.37 -15.69 -35.23
C TYR A 1060 26.15 -17.00 -35.37
N VAL A 1061 25.94 -17.66 -36.50
CA VAL A 1061 26.65 -18.88 -36.89
C VAL A 1061 28.18 -18.66 -37.06
N PHE A 1062 28.60 -17.65 -37.81
CA PHE A 1062 30.03 -17.31 -37.90
C PHE A 1062 30.37 -15.93 -37.33
N PRO A 1063 30.76 -15.91 -36.05
CA PRO A 1063 30.93 -14.72 -35.19
C PRO A 1063 31.96 -13.69 -35.62
N GLU A 1064 33.26 -14.05 -35.64
CA GLU A 1064 34.34 -13.09 -36.00
C GLU A 1064 35.06 -13.31 -37.36
N THR A 1065 34.27 -13.76 -38.36
CA THR A 1065 34.61 -13.73 -39.79
C THR A 1065 33.71 -12.70 -40.52
N SER A 1066 34.29 -11.55 -40.90
CA SER A 1066 33.56 -10.40 -41.49
C SER A 1066 32.84 -10.67 -42.82
N LEU A 1067 31.62 -10.15 -42.97
CA LEU A 1067 30.92 -10.22 -44.26
C LEU A 1067 31.69 -9.44 -45.29
N TYR A 1068 31.69 -9.94 -46.52
CA TYR A 1068 32.51 -9.42 -47.63
C TYR A 1068 31.78 -9.49 -48.99
N GLU A 1069 32.37 -8.84 -50.00
CA GLU A 1069 31.84 -8.85 -51.37
C GLU A 1069 32.81 -9.54 -52.34
N VAL A 1070 32.29 -10.17 -53.38
CA VAL A 1070 33.12 -10.80 -54.42
C VAL A 1070 32.33 -11.03 -55.73
N ASN A 1071 33.01 -10.90 -56.87
CA ASN A 1071 32.40 -11.14 -58.19
C ASN A 1071 32.75 -12.51 -58.80
N ASP A 1072 31.71 -13.25 -59.21
CA ASP A 1072 31.83 -14.62 -59.77
C ASP A 1072 30.85 -14.94 -60.90
N ASN A 1073 29.56 -14.62 -60.69
CA ASN A 1073 28.49 -14.98 -61.64
C ASN A 1073 27.62 -13.79 -62.07
N ASN A 1074 28.05 -13.07 -63.11
CA ASN A 1074 27.27 -11.95 -63.68
C ASN A 1074 27.06 -10.71 -62.80
N LYS A 1075 27.69 -10.64 -61.63
CA LYS A 1075 27.38 -9.58 -60.64
C LYS A 1075 28.37 -9.48 -59.45
N SER A 1076 28.02 -8.63 -58.48
CA SER A 1076 28.75 -8.52 -57.21
C SER A 1076 27.95 -9.18 -56.07
N TYR A 1077 28.56 -10.16 -55.39
CA TYR A 1077 27.90 -10.91 -54.30
C TYR A 1077 28.33 -10.52 -52.87
N LEU A 1078 27.63 -11.11 -51.90
CA LEU A 1078 27.88 -10.92 -50.47
C LEU A 1078 28.23 -12.24 -49.80
N SER A 1079 29.45 -12.35 -49.30
CA SER A 1079 29.90 -13.56 -48.63
C SER A 1079 30.56 -13.28 -47.28
N LEU A 1080 31.07 -14.33 -46.65
CA LEU A 1080 32.06 -14.20 -45.57
C LEU A 1080 33.27 -15.08 -45.91
N LYS A 1081 34.46 -14.64 -45.50
CA LYS A 1081 35.71 -15.30 -45.89
C LYS A 1081 36.14 -16.35 -44.86
N ASN A 1082 35.87 -17.63 -45.14
CA ASN A 1082 36.29 -18.74 -44.26
C ASN A 1082 37.58 -19.45 -44.68
N THR A 1083 38.12 -19.06 -45.86
CA THR A 1083 39.54 -19.24 -46.18
C THR A 1083 40.21 -17.84 -46.10
N ASP A 1084 40.54 -17.42 -44.88
CA ASP A 1084 41.15 -16.10 -44.62
C ASP A 1084 42.28 -15.81 -45.62
N GLY A 1085 42.12 -14.72 -46.36
CA GLY A 1085 43.11 -14.35 -47.35
C GLY A 1085 43.08 -15.17 -48.62
N ILE A 1086 41.92 -15.71 -48.96
CA ILE A 1086 41.61 -16.09 -50.36
C ILE A 1086 41.02 -14.82 -51.00
N ASN A 1087 41.35 -13.68 -50.36
CA ASN A 1087 41.27 -12.31 -50.90
C ASN A 1087 39.93 -11.55 -50.95
N ILE A 1088 39.14 -11.65 -49.86
CA ILE A 1088 37.96 -10.81 -49.62
C ILE A 1088 38.11 -9.99 -48.31
N PRO A 1089 37.67 -8.70 -48.30
CA PRO A 1089 37.79 -7.70 -47.20
C PRO A 1089 36.47 -7.16 -46.61
N SER A 1090 36.49 -6.75 -45.32
CA SER A 1090 35.33 -6.36 -44.46
C SER A 1090 34.25 -5.37 -45.00
N VAL A 1091 32.96 -5.73 -44.85
CA VAL A 1091 31.78 -5.05 -45.48
C VAL A 1091 31.06 -4.01 -44.60
N LYS A 1092 30.59 -2.91 -45.21
CA LYS A 1092 29.90 -1.81 -44.49
C LYS A 1092 28.37 -1.65 -44.76
N PHE A 1093 27.56 -1.86 -43.71
CA PHE A 1093 26.08 -1.75 -43.75
C PHE A 1093 25.50 -0.42 -43.26
N LYS A 1094 24.33 -0.09 -43.79
CA LYS A 1094 23.54 1.08 -43.41
C LYS A 1094 22.08 0.81 -43.68
N LEU A 1095 21.23 1.23 -42.75
CA LEU A 1095 19.79 1.08 -42.96
C LEU A 1095 19.18 2.42 -43.38
N ILE A 1096 18.16 2.36 -44.24
CA ILE A 1096 17.50 3.55 -44.77
C ILE A 1096 15.96 3.43 -44.79
N ASN A 1097 15.26 4.52 -44.48
CA ASN A 1097 13.81 4.46 -44.25
C ASN A 1097 12.94 5.23 -45.25
N ILE A 1098 11.75 4.68 -45.52
CA ILE A 1098 10.70 5.31 -46.32
C ILE A 1098 10.24 6.66 -45.75
N ASP A 1099 10.47 6.83 -44.44
CA ASP A 1099 10.13 8.06 -43.72
C ASP A 1099 11.37 8.92 -43.52
N GLU A 1100 11.36 10.09 -44.17
CA GLU A 1100 12.47 11.05 -44.14
C GLU A 1100 12.86 11.56 -42.73
N SER A 1101 11.90 11.62 -41.80
CA SER A 1101 12.15 12.15 -40.44
C SER A 1101 12.81 11.16 -39.49
N LYS A 1102 12.32 9.92 -39.54
CA LYS A 1102 12.59 8.80 -38.61
C LYS A 1102 14.05 8.58 -38.21
N GLY A 1103 14.36 8.74 -36.93
CA GLY A 1103 15.73 8.61 -36.44
C GLY A 1103 16.18 7.19 -36.19
N TYR A 1104 15.37 6.42 -35.43
CA TYR A 1104 15.81 5.15 -34.82
C TYR A 1104 15.00 3.91 -35.21
N VAL A 1105 15.68 2.77 -35.30
CA VAL A 1105 15.13 1.55 -35.89
C VAL A 1105 14.20 0.79 -34.97
N GLN A 1106 12.99 0.49 -35.44
CA GLN A 1106 12.03 -0.27 -34.64
C GLN A 1106 11.56 -1.56 -35.28
N LYS A 1107 11.16 -2.52 -34.45
CA LYS A 1107 10.63 -3.79 -34.94
C LYS A 1107 9.34 -3.57 -35.75
N TRP A 1108 9.11 -4.44 -36.73
CA TRP A 1108 8.03 -4.32 -37.71
C TRP A 1108 8.08 -3.02 -38.53
N ASP A 1109 9.28 -2.41 -38.59
CA ASP A 1109 9.59 -1.28 -39.48
C ASP A 1109 10.10 -1.73 -40.85
N GLU A 1110 9.97 -0.85 -41.86
CA GLU A 1110 10.38 -1.10 -43.26
C GLU A 1110 11.64 -0.33 -43.66
N CYS A 1111 12.55 -1.02 -44.36
CA CYS A 1111 13.93 -0.56 -44.54
C CYS A 1111 14.59 -0.95 -45.87
N ILE A 1112 15.58 -0.15 -46.28
CA ILE A 1112 16.40 -0.43 -47.46
C ILE A 1112 17.87 -0.56 -47.07
N ILE A 1113 18.42 -1.74 -47.31
CA ILE A 1113 19.78 -2.05 -46.90
C ILE A 1113 20.76 -1.55 -47.95
N CYS A 1114 21.73 -0.77 -47.49
CA CYS A 1114 22.79 -0.24 -48.36
C CYS A 1114 24.17 -0.70 -47.88
N VAL A 1115 25.10 -0.87 -48.81
CA VAL A 1115 26.52 -1.11 -48.51
C VAL A 1115 27.38 -0.06 -49.23
N SER A 1116 28.47 0.34 -48.60
CA SER A 1116 29.46 1.19 -49.27
C SER A 1116 30.47 0.28 -49.96
N ASP A 1117 30.49 0.36 -51.30
CA ASP A 1117 31.47 -0.33 -52.10
C ASP A 1117 32.11 0.70 -53.02
N GLY A 1118 31.62 0.75 -54.25
CA GLY A 1118 32.06 1.73 -55.24
C GLY A 1118 31.04 2.85 -55.38
N THR A 1119 29.78 2.47 -55.52
CA THR A 1119 28.69 3.41 -55.37
C THR A 1119 28.02 3.08 -54.05
N GLU A 1120 26.83 3.62 -53.83
CA GLU A 1120 25.94 3.10 -52.82
C GLU A 1120 25.30 1.87 -53.47
N LYS A 1121 25.64 0.70 -52.94
CA LYS A 1121 25.11 -0.58 -53.41
C LYS A 1121 23.85 -0.95 -52.59
N TYR A 1122 22.75 -1.21 -53.29
CA TYR A 1122 21.48 -1.57 -52.65
C TYR A 1122 21.21 -3.07 -52.76
N LEU A 1123 20.74 -3.67 -51.67
CA LEU A 1123 20.60 -5.11 -51.56
C LEU A 1123 19.42 -5.65 -52.35
N ASP A 1124 19.61 -6.80 -52.99
CA ASP A 1124 18.54 -7.48 -53.72
C ASP A 1124 18.61 -9.01 -53.63
N ILE A 1125 17.45 -9.60 -53.34
CA ILE A 1125 17.23 -11.05 -53.35
C ILE A 1125 16.91 -11.51 -54.77
N SER A 1126 17.70 -12.46 -55.27
CA SER A 1126 17.63 -12.89 -56.66
C SER A 1126 16.50 -13.88 -56.97
N GLU A 1128 16.49 -15.12 -58.89
CA GLU A 1128 15.66 -16.29 -58.60
C GLU A 1128 16.40 -17.42 -57.85
N ASN A 1129 17.68 -17.21 -57.56
CA ASN A 1129 18.42 -18.15 -56.68
C ASN A 1129 18.31 -17.75 -55.21
N ASN A 1130 17.61 -16.64 -54.96
CA ASN A 1130 17.40 -16.06 -53.62
C ASN A 1130 18.71 -15.69 -52.91
N ARG A 1131 19.74 -15.42 -53.72
CA ARG A 1131 21.03 -15.01 -53.22
C ARG A 1131 21.16 -13.49 -53.26
N ILE A 1132 21.52 -12.94 -52.11
CA ILE A 1132 21.65 -11.51 -51.94
C ILE A 1132 22.86 -10.99 -52.70
N GLN A 1133 22.62 -9.92 -53.43
CA GLN A 1133 23.58 -9.34 -54.35
C GLN A 1133 23.41 -7.83 -54.34
N LEU A 1134 24.53 -7.14 -54.46
CA LEU A 1134 24.56 -5.68 -54.43
C LEU A 1134 24.34 -5.11 -55.82
N VAL A 1135 23.33 -4.25 -55.93
CA VAL A 1135 22.97 -3.56 -57.16
C VAL A 1135 23.37 -2.06 -57.04
N SER A 1136 23.45 -1.34 -58.15
CA SER A 1136 23.69 0.12 -58.08
C SER A 1136 22.42 0.88 -58.48
N SER A 1137 21.32 0.15 -58.47
CA SER A 1137 20.06 0.55 -59.08
C SER A 1137 18.96 0.70 -58.04
N LYS A 1138 18.50 1.94 -57.82
CA LYS A 1138 17.63 2.30 -56.69
C LYS A 1138 16.33 1.51 -56.55
N ASP A 1139 15.57 1.34 -57.65
CA ASP A 1139 14.33 0.57 -57.60
C ASP A 1139 14.50 -0.96 -57.60
N ASN A 1140 15.71 -1.46 -57.81
CA ASN A 1140 15.98 -2.88 -57.57
C ASN A 1140 16.05 -3.22 -56.07
N ALA A 1141 16.48 -2.24 -55.26
CA ALA A 1141 16.60 -2.44 -53.81
C ALA A 1141 15.34 -3.02 -53.17
N LYS A 1142 15.53 -3.99 -52.28
CA LYS A 1142 14.41 -4.62 -51.60
C LYS A 1142 14.03 -3.84 -50.34
N LYS A 1143 12.72 -3.76 -50.09
CA LYS A 1143 12.19 -3.16 -48.87
C LYS A 1143 11.97 -4.23 -47.79
N ILE A 1144 13.05 -4.51 -47.04
CA ILE A 1144 13.11 -5.58 -46.05
C ILE A 1144 12.48 -5.15 -44.71
N THR A 1145 11.75 -6.06 -44.06
CA THR A 1145 11.20 -5.77 -42.73
C THR A 1145 12.19 -6.26 -41.66
N VAL A 1146 12.44 -5.39 -40.69
CA VAL A 1146 13.32 -5.75 -39.58
C VAL A 1146 12.49 -6.22 -38.37
N ASN A 1147 13.02 -7.22 -37.70
CA ASN A 1147 12.40 -7.83 -36.53
C ASN A 1147 13.59 -8.25 -35.65
N THR A 1148 13.34 -8.83 -34.48
CA THR A 1148 14.42 -9.21 -33.55
C THR A 1148 14.06 -10.36 -32.58
N ASP A 1149 15.09 -10.92 -31.94
CA ASP A 1149 14.92 -11.99 -30.94
C ASP A 1149 14.71 -11.42 -29.53
N LEU A 1150 13.64 -11.91 -28.89
CA LEU A 1150 13.23 -11.39 -27.59
C LEU A 1150 14.10 -11.94 -26.46
N PHE A 1151 14.81 -13.06 -26.72
CA PHE A 1151 15.82 -13.62 -25.81
C PHE A 1151 17.27 -13.16 -26.13
N ARG A 1152 17.49 -12.61 -27.33
CA ARG A 1152 18.82 -12.12 -27.69
C ARG A 1152 18.77 -10.62 -27.87
N PRO A 1153 19.31 -9.89 -26.88
CA PRO A 1153 19.24 -8.43 -26.76
C PRO A 1153 19.82 -7.61 -27.92
N ASP A 1154 20.92 -8.07 -28.49
CA ASP A 1154 21.74 -7.27 -29.42
C ASP A 1154 21.57 -7.65 -30.89
N CYS A 1155 20.56 -8.47 -31.15
CA CYS A 1155 20.42 -9.17 -32.42
C CYS A 1155 19.17 -8.75 -33.15
N ILE A 1156 19.29 -8.56 -34.47
CA ILE A 1156 18.13 -8.32 -35.31
C ILE A 1156 18.02 -9.40 -36.40
N THR A 1157 16.95 -9.34 -37.19
CA THR A 1157 16.85 -10.15 -38.40
C THR A 1157 16.53 -9.26 -39.59
N PHE A 1158 16.98 -9.71 -40.76
CA PHE A 1158 16.59 -9.14 -42.04
C PHE A 1158 15.89 -10.26 -42.83
N SER A 1159 14.81 -9.93 -43.55
CA SER A 1159 13.95 -10.97 -44.12
C SER A 1159 13.04 -10.48 -45.24
N TYR A 1160 12.30 -11.41 -45.85
CA TYR A 1160 11.29 -11.10 -46.89
C TYR A 1160 10.05 -12.01 -46.89
N ASN A 1161 8.92 -11.46 -46.43
CA ASN A 1161 7.59 -12.09 -46.48
C ASN A 1161 7.44 -13.51 -45.90
N ASP A 1162 8.26 -13.82 -44.90
CA ASP A 1162 8.23 -15.14 -44.27
C ASP A 1162 9.45 -15.97 -44.64
N LYS A 1163 10.27 -15.44 -45.56
CA LYS A 1163 11.57 -16.03 -45.91
C LYS A 1163 12.66 -15.10 -45.37
N TYR A 1164 13.22 -15.46 -44.20
CA TYR A 1164 14.22 -14.64 -43.52
C TYR A 1164 15.59 -14.87 -44.10
N PHE A 1165 16.50 -13.94 -43.85
CA PHE A 1165 17.84 -14.06 -44.38
C PHE A 1165 18.70 -14.96 -43.48
N SER A 1166 19.38 -15.90 -44.13
CA SER A 1166 20.26 -16.88 -43.47
C SER A 1166 21.58 -17.03 -44.25
N LEU A 1167 22.44 -17.93 -43.79
CA LEU A 1167 23.74 -18.15 -44.41
C LEU A 1167 23.68 -19.41 -45.28
N SER A 1168 24.20 -19.32 -46.52
CA SER A 1168 24.23 -20.46 -47.43
C SER A 1168 25.20 -21.52 -46.94
N LEU A 1169 25.05 -22.72 -47.47
CA LEU A 1169 25.96 -23.80 -47.14
C LEU A 1169 27.40 -23.33 -47.39
N ARG A 1170 28.32 -23.83 -46.56
CA ARG A 1170 29.76 -23.64 -46.77
C ARG A 1170 30.08 -24.07 -48.21
N ASP A 1171 30.75 -23.19 -48.96
CA ASP A 1171 30.76 -23.25 -50.43
C ASP A 1171 32.14 -23.16 -51.11
N GLY A 1172 32.81 -22.02 -50.95
CA GLY A 1172 34.03 -21.69 -51.71
C GLY A 1172 35.41 -22.19 -51.27
N ASP A 1173 35.83 -22.01 -50.02
CA ASP A 1173 35.05 -21.49 -48.90
C ASP A 1173 34.61 -20.03 -49.02
N TYR A 1174 33.31 -19.85 -49.22
CA TYR A 1174 32.59 -18.58 -49.17
C TYR A 1174 31.21 -18.91 -48.61
N ASN A 1175 30.73 -18.09 -47.68
CA ASN A 1175 29.37 -18.26 -47.18
C ASN A 1175 28.48 -17.09 -47.57
N TRP A 1176 27.64 -17.35 -48.59
CA TRP A 1176 26.86 -16.32 -49.25
C TRP A 1176 25.60 -15.97 -48.49
N MET A 1177 25.21 -14.70 -48.57
CA MET A 1177 23.93 -14.25 -48.06
C MET A 1177 22.80 -14.87 -48.87
N ILE A 1178 21.98 -15.72 -48.25
CA ILE A 1178 20.83 -16.30 -48.95
C ILE A 1178 19.49 -15.91 -48.34
N CYS A 1179 18.44 -15.82 -49.15
CA CYS A 1179 17.07 -15.71 -48.62
C CYS A 1179 16.40 -17.07 -48.77
N ASN A 1180 16.83 -18.03 -47.96
CA ASN A 1180 16.52 -19.45 -48.16
C ASN A 1180 15.98 -20.16 -46.92
N ASN A 1183 14.44 -21.77 -48.00
CA ASN A 1183 13.85 -22.10 -46.69
C ASN A 1183 14.36 -23.46 -46.18
N LYS A 1184 15.60 -23.80 -46.53
CA LYS A 1184 16.16 -25.17 -46.31
C LYS A 1184 17.52 -25.34 -45.56
N VAL A 1185 18.26 -24.26 -45.32
CA VAL A 1185 19.50 -24.29 -44.48
C VAL A 1185 19.13 -24.16 -42.98
N PRO A 1186 20.11 -24.27 -42.05
CA PRO A 1186 19.96 -24.29 -40.57
C PRO A 1186 19.43 -22.97 -39.93
N LYS A 1187 18.49 -23.08 -38.99
CA LYS A 1187 17.77 -21.92 -38.42
C LYS A 1187 18.60 -20.95 -37.54
N GLY A 1188 19.77 -21.41 -37.10
CA GLY A 1188 20.68 -20.64 -36.24
C GLY A 1188 21.49 -19.57 -36.96
N ALA A 1189 21.18 -19.38 -38.23
CA ALA A 1189 21.73 -18.30 -39.04
C ALA A 1189 20.70 -17.18 -39.23
N HIS A 1190 19.62 -17.23 -38.45
CA HIS A 1190 18.59 -16.18 -38.40
C HIS A 1190 19.13 -14.90 -37.85
N LEU A 1191 20.14 -15.04 -36.98
CA LEU A 1191 20.60 -13.97 -36.11
C LEU A 1191 21.74 -13.13 -36.69
N TRP A 1192 21.47 -11.83 -36.79
CA TRP A 1192 22.40 -10.83 -37.32
C TRP A 1192 22.72 -9.76 -36.29
N ILE A 1193 24.02 -9.56 -36.05
CA ILE A 1193 24.51 -8.50 -35.17
C ILE A 1193 25.06 -7.33 -35.99
N LEU A 1194 24.53 -6.13 -35.77
CA LEU A 1194 25.15 -4.94 -36.34
C LEU A 1194 26.09 -4.37 -35.29
N LYS A 1195 27.41 -4.46 -35.54
CA LYS A 1195 28.44 -3.93 -34.65
C LYS A 1195 29.11 -2.74 -35.32
N SER A 1196 29.13 -1.60 -34.66
CA SER A 1196 29.85 -0.44 -35.21
C SER A 1196 31.30 -0.39 -34.71
#